data_5WQH
#
_entry.id   5WQH
#
_cell.length_a   99.340
_cell.length_b   47.230
_cell.length_c   121.090
_cell.angle_alpha   90.00
_cell.angle_beta   107.95
_cell.angle_gamma   90.00
#
_symmetry.space_group_name_H-M   'P 1 21 1'
#
loop_
_entity.id
_entity.type
_entity.pdbx_description
1 polymer 'Isomerase trt14'
2 non-polymer 'CALCIUM ION'
3 non-polymer 'methyl (2S,4aR,4bS,5S,6aS,10aS,10bS,12aS)-2,4b,7,7,10a,12,12a-heptamethyl-5-oxidanyl-1,4,6,8-tetrakis(oxidanylidene)-4a,5,6a,9,10,10b-hexahydronaphtho[1,2-h]isochromene-2-carboxylate'
4 non-polymer 'methyl (5S,7S,8S,9S,10S,13R,14R,16S)-4,4,8,10,12,13,16-heptamethyl-7,16-bis(oxidanyl)-3,6,15,17-tetrakis(oxidanylidene)-2,5,7,9-tetrahydro-1H-cyclopenta[a]phenanthrene-14-carboxylate'
5 water water
#
_entity_poly.entity_id   1
_entity_poly.type   'polypeptide(L)'
_entity_poly.pdbx_seq_one_letter_code
;MGSSHHHHHHSSGLVPRGSHMSPTREDLVATAKLFIAKYNEFTPESIISVRTPNSVSHRLFPTRNATRNIGESMEACANA
KEVFKSLTVSVIDDNDTIVDERTRKVVFYLASRGDTIVGEWKSECIFIFQMSEDGKLVDRIWAGFDTAYMDEFESRLDGI
TF
;
_entity_poly.pdbx_strand_id   A,B,C,D,E,F
#
loop_
_chem_comp.id
_chem_comp.type
_chem_comp.name
_chem_comp.formula
7WU non-polymer 'methyl (2S,4aR,4bS,5S,6aS,10aS,10bS,12aS)-2,4b,7,7,10a,12,12a-heptamethyl-5-oxidanyl-1,4,6,8-tetrakis(oxidanylidene)-4a,5,6a,9,10,10b-hexahydronaphtho[1,2-h]isochromene-2-carboxylate' 'C26 H34 O8'
7WX non-polymer 'methyl (5S,7S,8S,9S,10S,13R,14R,16S)-4,4,8,10,12,13,16-heptamethyl-7,16-bis(oxidanyl)-3,6,15,17-tetrakis(oxidanylidene)-2,5,7,9-tetrahydro-1H-cyclopenta[a]phenanthrene-14-carboxylate' 'C26 H34 O8'
CA non-polymer 'CALCIUM ION' 'Ca 2'
#
# COMPACT_ATOMS: atom_id res chain seq x y z
N PRO A 23 7.79 18.86 2.47
CA PRO A 23 8.04 17.42 2.31
C PRO A 23 6.92 16.57 2.87
N THR A 24 6.35 15.70 2.06
CA THR A 24 5.31 14.80 2.54
C THR A 24 5.91 13.70 3.41
N ARG A 25 5.03 13.02 4.15
CA ARG A 25 5.41 11.79 4.84
C ARG A 25 6.13 10.83 3.90
N GLU A 26 5.59 10.65 2.69
CA GLU A 26 6.19 9.72 1.74
C GLU A 26 7.54 10.23 1.26
N ASP A 27 7.70 11.55 1.14
CA ASP A 27 8.99 12.12 0.75
C ASP A 27 10.05 11.82 1.81
N LEU A 28 9.72 12.03 3.09
CA LEU A 28 10.67 11.82 4.18
C LEU A 28 11.13 10.36 4.22
N VAL A 29 10.19 9.42 4.15
CA VAL A 29 10.53 8.00 4.17
C VAL A 29 11.42 7.64 2.98
N ALA A 30 11.14 8.22 1.80
CA ALA A 30 11.92 7.90 0.61
C ALA A 30 13.39 8.28 0.80
N THR A 31 13.63 9.49 1.29
CA THR A 31 15.01 9.91 1.57
C THR A 31 15.68 8.97 2.56
N ALA A 32 14.94 8.52 3.58
CA ALA A 32 15.50 7.61 4.57
C ALA A 32 15.76 6.23 3.96
N LYS A 33 14.86 5.75 3.11
CA LYS A 33 15.11 4.50 2.41
C LYS A 33 16.30 4.62 1.46
N LEU A 34 16.46 5.78 0.82
CA LEU A 34 17.62 5.98 -0.04
C LEU A 34 18.91 5.97 0.77
N PHE A 35 18.91 6.61 1.95
CA PHE A 35 20.09 6.54 2.79
C PHE A 35 20.45 5.09 3.09
N ILE A 36 19.44 4.28 3.42
CA ILE A 36 19.67 2.86 3.68
C ILE A 36 20.24 2.15 2.45
N ALA A 37 19.69 2.41 1.25
CA ALA A 37 20.20 1.76 0.04
C ALA A 37 21.68 2.06 -0.13
N LYS A 38 22.06 3.33 0.02
CA LYS A 38 23.46 3.69 -0.18
C LYS A 38 24.34 3.18 0.95
N TYR A 39 23.82 3.24 2.18
CA TYR A 39 24.48 2.63 3.33
C TYR A 39 24.88 1.20 3.06
N ASN A 40 23.98 0.42 2.47
CA ASN A 40 24.24 -0.99 2.20
C ASN A 40 25.27 -1.20 1.11
N GLU A 41 25.63 -0.17 0.33
CA GLU A 41 26.79 -0.28 -0.55
C GLU A 41 28.09 -0.23 0.26
N PHE A 42 28.05 0.41 1.42
CA PHE A 42 29.11 0.37 2.42
C PHE A 42 30.48 0.78 1.86
N THR A 43 30.53 1.96 1.28
CA THR A 43 31.78 2.62 0.90
C THR A 43 31.76 4.01 1.49
N PRO A 44 32.92 4.65 1.72
CA PRO A 44 32.91 6.02 2.22
C PRO A 44 32.12 6.97 1.31
N GLU A 45 32.18 6.76 0.01
CA GLU A 45 31.40 7.59 -0.91
C GLU A 45 29.91 7.35 -0.71
N SER A 46 29.52 6.10 -0.49
CA SER A 46 28.08 5.81 -0.45
C SER A 46 27.47 6.21 0.91
N ILE A 47 28.20 6.05 2.01
CA ILE A 47 27.59 6.37 3.31
C ILE A 47 27.42 7.86 3.52
N ILE A 48 28.06 8.70 2.69
CA ILE A 48 27.83 10.15 2.75
C ILE A 48 26.90 10.65 1.66
N SER A 49 26.50 9.81 0.71
CA SER A 49 25.90 10.30 -0.53
C SER A 49 24.47 10.79 -0.34
N VAL A 50 23.87 10.56 0.82
CA VAL A 50 22.53 11.06 1.13
C VAL A 50 22.56 11.97 2.35
N ARG A 51 23.72 12.57 2.66
CA ARG A 51 23.88 13.43 3.82
C ARG A 51 24.23 14.85 3.39
N THR A 52 23.69 15.83 4.11
CA THR A 52 24.16 17.20 3.92
C THR A 52 25.60 17.30 4.39
N PRO A 53 26.39 18.22 3.82
CA PRO A 53 27.82 18.25 4.17
C PRO A 53 28.08 18.64 5.63
N ASN A 54 27.21 19.41 6.26
CA ASN A 54 27.37 19.75 7.67
C ASN A 54 26.64 18.80 8.61
N SER A 55 26.11 17.70 8.09
CA SER A 55 25.40 16.74 8.93
C SER A 55 26.33 16.11 9.96
N VAL A 56 25.77 15.75 11.11
CA VAL A 56 26.52 15.01 12.11
C VAL A 56 25.70 13.78 12.48
N SER A 57 26.40 12.72 12.84
CA SER A 57 25.82 11.44 13.18
C SER A 57 26.09 11.18 14.65
N HIS A 58 25.02 11.09 15.46
CA HIS A 58 25.16 10.84 16.89
C HIS A 58 24.92 9.37 17.18
N ARG A 59 25.73 8.82 18.06
CA ARG A 59 25.45 7.53 18.69
C ARG A 59 24.77 7.77 20.04
N LEU A 60 23.67 7.08 20.30
CA LEU A 60 22.97 7.22 21.56
C LEU A 60 23.59 6.32 22.62
N PHE A 61 23.26 6.62 23.89
CA PHE A 61 23.62 5.84 25.08
C PHE A 61 25.00 6.23 25.58
N PRO A 62 25.13 6.49 26.89
CA PRO A 62 26.43 6.95 27.42
C PRO A 62 27.60 6.02 27.16
N THR A 63 27.41 4.69 27.19
CA THR A 63 28.61 3.84 27.06
C THR A 63 29.21 3.91 25.66
N ARG A 64 28.46 4.37 24.65
CA ARG A 64 28.96 4.42 23.28
C ARG A 64 28.71 5.77 22.62
N ASN A 65 28.47 6.81 23.41
CA ASN A 65 28.18 8.12 22.83
C ASN A 65 29.33 8.61 21.96
N ALA A 66 28.99 9.16 20.80
CA ALA A 66 29.97 9.68 19.85
C ALA A 66 29.25 10.57 18.84
N THR A 67 29.97 11.57 18.33
CA THR A 67 29.45 12.46 17.31
C THR A 67 30.45 12.54 16.17
N ARG A 68 29.98 12.34 14.93
CA ARG A 68 30.84 12.25 13.76
C ARG A 68 30.32 13.15 12.64
N ASN A 69 31.18 14.01 12.14
CA ASN A 69 30.91 14.76 10.92
C ASN A 69 31.17 13.86 9.72
N ILE A 70 31.08 14.42 8.51
CA ILE A 70 31.18 13.61 7.29
C ILE A 70 32.57 13.00 7.17
N GLY A 71 33.61 13.82 7.36
CA GLY A 71 34.97 13.29 7.32
C GLY A 71 35.18 12.17 8.30
N GLU A 72 34.69 12.34 9.54
CA GLU A 72 34.84 11.29 10.55
C GLU A 72 34.03 10.05 10.17
N SER A 73 32.87 10.24 9.54
CA SER A 73 32.04 9.10 9.12
C SER A 73 32.75 8.30 8.03
N MET A 74 33.34 8.99 7.05
CA MET A 74 34.08 8.29 6.00
C MET A 74 35.26 7.53 6.58
N GLU A 75 35.98 8.15 7.51
CA GLU A 75 37.11 7.44 8.15
C GLU A 75 36.63 6.25 8.96
N ALA A 76 35.47 6.36 9.61
CA ALA A 76 34.95 5.23 10.39
C ALA A 76 34.48 4.12 9.48
N CYS A 77 33.90 4.47 8.33
CA CYS A 77 33.49 3.43 7.40
C CYS A 77 34.71 2.68 6.84
N ALA A 78 35.75 3.42 6.48
CA ALA A 78 36.97 2.75 5.99
C ALA A 78 37.60 1.88 7.07
N ASN A 79 37.58 2.36 8.32
CA ASN A 79 38.04 1.53 9.43
C ASN A 79 37.17 0.29 9.59
N ALA A 80 35.84 0.45 9.46
CA ALA A 80 34.95 -0.70 9.58
C ALA A 80 35.22 -1.72 8.47
N LYS A 81 35.52 -1.25 7.26
CA LYS A 81 35.75 -2.17 6.16
C LYS A 81 37.00 -3.02 6.38
N GLU A 82 37.92 -2.59 7.26
CA GLU A 82 39.06 -3.44 7.61
C GLU A 82 38.63 -4.65 8.40
N VAL A 83 37.49 -4.57 9.08
CA VAL A 83 37.02 -5.64 9.94
C VAL A 83 35.84 -6.39 9.33
N PHE A 84 34.94 -5.66 8.68
CA PHE A 84 33.72 -6.24 8.12
C PHE A 84 33.97 -6.68 6.69
N LYS A 85 33.82 -7.97 6.42
CA LYS A 85 33.83 -8.40 5.03
C LYS A 85 32.58 -7.91 4.31
N SER A 86 31.44 -8.01 4.98
CA SER A 86 30.16 -7.55 4.43
C SER A 86 29.32 -7.01 5.56
N LEU A 87 28.34 -6.19 5.20
CA LEU A 87 27.40 -5.63 6.17
C LEU A 87 26.17 -5.13 5.43
N THR A 88 24.99 -5.59 5.85
CA THR A 88 23.74 -5.05 5.33
C THR A 88 22.79 -4.74 6.47
N VAL A 89 22.07 -3.64 6.34
CA VAL A 89 21.02 -3.31 7.30
C VAL A 89 19.71 -3.28 6.54
N SER A 90 18.63 -3.62 7.22
CA SER A 90 17.33 -3.55 6.56
C SER A 90 16.27 -3.16 7.58
N VAL A 91 15.35 -2.32 7.13
CA VAL A 91 14.13 -2.04 7.89
C VAL A 91 13.33 -3.31 8.02
N ILE A 92 13.00 -3.69 9.27
CA ILE A 92 12.38 -5.00 9.47
C ILE A 92 10.93 -4.98 9.02
N ASP A 93 10.22 -3.89 9.26
CA ASP A 93 8.77 -3.88 9.06
C ASP A 93 8.36 -2.41 8.93
N ASP A 94 7.87 -2.03 7.75
CA ASP A 94 7.50 -0.65 7.52
C ASP A 94 6.41 -0.18 8.50
N ASN A 95 5.70 -1.11 9.15
CA ASN A 95 4.71 -0.73 10.17
C ASN A 95 5.37 -0.10 11.39
N ASP A 96 6.63 -0.44 11.67
CA ASP A 96 7.31 0.13 12.84
C ASP A 96 7.73 1.57 12.61
N THR A 97 7.75 2.02 11.37
CA THR A 97 8.39 3.28 11.02
C THR A 97 7.59 4.44 11.59
N ILE A 98 8.29 5.46 12.07
CA ILE A 98 7.69 6.62 12.70
C ILE A 98 8.09 7.84 11.89
N VAL A 99 7.14 8.71 11.59
CA VAL A 99 7.42 9.89 10.78
C VAL A 99 6.80 11.11 11.43
N ASP A 100 7.59 12.15 11.62
CA ASP A 100 7.15 13.41 12.18
C ASP A 100 7.30 14.47 11.10
N GLU A 101 6.19 14.80 10.42
CA GLU A 101 6.27 15.73 9.30
C GLU A 101 6.71 17.11 9.75
N ARG A 102 6.41 17.48 10.99
CA ARG A 102 6.71 18.83 11.45
C ARG A 102 8.18 19.01 11.77
N THR A 103 8.83 17.98 12.30
CA THR A 103 10.25 18.08 12.56
C THR A 103 11.05 17.38 11.48
N ARG A 104 10.38 16.78 10.48
CA ARG A 104 11.03 16.10 9.35
C ARG A 104 11.88 14.94 9.82
N LYS A 105 11.35 14.16 10.76
CA LYS A 105 12.10 13.05 11.35
C LYS A 105 11.47 11.71 10.96
N VAL A 106 12.33 10.72 10.78
CA VAL A 106 11.95 9.35 10.45
C VAL A 106 12.69 8.43 11.41
N VAL A 107 11.98 7.45 11.95
CA VAL A 107 12.59 6.44 12.82
C VAL A 107 12.45 5.08 12.15
N PHE A 108 13.56 4.38 11.98
CA PHE A 108 13.59 3.02 11.49
C PHE A 108 14.06 2.09 12.60
N TYR A 109 13.48 0.89 12.67
CA TYR A 109 14.04 -0.20 13.45
C TYR A 109 14.59 -1.24 12.48
N LEU A 110 15.89 -1.53 12.60
CA LEU A 110 16.64 -2.22 11.54
C LEU A 110 17.28 -3.51 12.05
N ALA A 111 17.42 -4.47 11.13
CA ALA A 111 18.25 -5.64 11.36
C ALA A 111 19.59 -5.41 10.68
N SER A 112 20.68 -5.72 11.38
CA SER A 112 22.02 -5.58 10.83
C SER A 112 22.67 -6.95 10.79
N ARG A 113 23.36 -7.25 9.70
CA ARG A 113 23.89 -8.58 9.48
C ARG A 113 25.17 -8.45 8.68
N GLY A 114 26.23 -9.12 9.13
CA GLY A 114 27.47 -9.04 8.37
C GLY A 114 28.45 -10.13 8.75
N ASP A 115 29.53 -10.18 7.99
CA ASP A 115 30.63 -11.11 8.26
C ASP A 115 31.90 -10.32 8.53
N THR A 116 32.66 -10.76 9.54
CA THR A 116 33.83 -10.02 10.01
C THR A 116 35.01 -10.96 10.21
N ILE A 117 36.18 -10.36 10.41
CA ILE A 117 37.37 -11.15 10.69
C ILE A 117 37.29 -11.84 12.05
N VAL A 118 36.37 -11.45 12.92
CA VAL A 118 36.22 -12.14 14.19
C VAL A 118 34.87 -12.85 14.28
N GLY A 119 34.24 -13.10 13.14
CA GLY A 119 33.03 -13.89 13.10
C GLY A 119 31.80 -13.08 12.70
N GLU A 120 30.65 -13.72 12.83
CA GLU A 120 29.42 -13.14 12.30
C GLU A 120 28.96 -11.95 13.13
N TRP A 121 28.40 -10.95 12.44
CA TRP A 121 27.71 -9.84 13.05
C TRP A 121 26.21 -10.02 12.85
N LYS A 122 25.46 -9.94 13.94
CA LYS A 122 24.00 -10.02 13.89
C LYS A 122 23.46 -9.21 15.07
N SER A 123 22.71 -8.15 14.78
CA SER A 123 22.21 -7.27 15.83
C SER A 123 21.01 -6.52 15.26
N GLU A 124 20.43 -5.65 16.07
CA GLU A 124 19.39 -4.74 15.64
C GLU A 124 19.71 -3.36 16.22
N CYS A 125 19.21 -2.33 15.56
CA CYS A 125 19.50 -0.97 15.93
C CYS A 125 18.30 -0.11 15.55
N ILE A 126 18.23 1.08 16.16
CA ILE A 126 17.23 2.07 15.83
C ILE A 126 17.96 3.26 15.23
N PHE A 127 17.51 3.71 14.06
CA PHE A 127 18.07 4.86 13.37
C PHE A 127 17.04 5.95 13.33
N ILE A 128 17.44 7.16 13.71
CA ILE A 128 16.58 8.33 13.65
C ILE A 128 17.21 9.30 12.68
N PHE A 129 16.43 9.76 11.70
CA PHE A 129 16.89 10.72 10.72
C PHE A 129 16.09 12.00 10.86
N GLN A 130 16.78 13.13 10.81
CA GLN A 130 16.14 14.40 10.56
C GLN A 130 16.56 14.88 9.17
N MET A 131 15.58 15.17 8.33
CA MET A 131 15.86 15.57 6.97
C MET A 131 16.08 17.08 6.86
N SER A 132 16.71 17.49 5.76
CA SER A 132 16.82 18.90 5.41
C SER A 132 15.44 19.51 5.14
N GLU A 133 15.43 20.84 5.02
CA GLU A 133 14.15 21.53 4.81
C GLU A 133 13.44 21.05 3.56
N ASP A 134 14.18 20.77 2.49
CA ASP A 134 13.50 20.29 1.29
C ASP A 134 13.16 18.81 1.36
N GLY A 135 13.55 18.13 2.43
CA GLY A 135 13.23 16.74 2.61
C GLY A 135 14.10 15.75 1.84
N LYS A 136 15.00 16.23 0.98
CA LYS A 136 15.72 15.34 0.08
C LYS A 136 17.04 14.81 0.62
N LEU A 137 17.53 15.31 1.76
CA LEU A 137 18.80 14.86 2.31
C LEU A 137 18.68 14.63 3.81
N VAL A 138 19.54 13.76 4.33
CA VAL A 138 19.64 13.56 5.77
C VAL A 138 20.52 14.65 6.37
N ASP A 139 20.00 15.36 7.37
CA ASP A 139 20.73 16.48 7.95
C ASP A 139 21.27 16.20 9.35
N ARG A 140 20.75 15.18 10.04
CA ARG A 140 21.30 14.76 11.31
C ARG A 140 20.82 13.34 11.55
N ILE A 141 21.67 12.51 12.17
CA ILE A 141 21.35 11.11 12.43
C ILE A 141 21.59 10.79 13.89
N TRP A 142 20.70 10.00 14.49
CA TRP A 142 20.94 9.39 15.79
C TRP A 142 20.81 7.88 15.63
N ALA A 143 21.77 7.15 16.17
CA ALA A 143 21.76 5.70 16.07
C ALA A 143 21.82 5.07 17.45
N GLY A 144 20.85 4.20 17.74
CA GLY A 144 20.88 3.45 18.96
C GLY A 144 21.25 2.01 18.67
N PHE A 145 22.42 1.58 19.15
CA PHE A 145 22.87 0.21 19.02
C PHE A 145 22.68 -0.58 20.32
N ASP A 146 22.79 -1.89 20.20
CA ASP A 146 22.80 -2.79 21.34
C ASP A 146 24.23 -2.76 21.90
N THR A 147 24.43 -1.97 22.97
CA THR A 147 25.80 -1.65 23.41
C THR A 147 26.49 -2.86 24.01
N ALA A 148 25.73 -3.72 24.72
CA ALA A 148 26.32 -4.96 25.21
C ALA A 148 26.79 -5.82 24.05
N TYR A 149 26.05 -5.83 22.95
CA TYR A 149 26.51 -6.63 21.82
C TYR A 149 27.77 -6.02 21.20
N MET A 150 27.83 -4.69 21.08
CA MET A 150 29.06 -4.04 20.61
C MET A 150 30.23 -4.36 21.53
N ASP A 151 30.02 -4.32 22.86
CA ASP A 151 31.09 -4.65 23.81
C ASP A 151 31.62 -6.05 23.55
N GLU A 152 30.71 -7.01 23.40
CA GLU A 152 31.13 -8.37 23.12
C GLU A 152 31.91 -8.43 21.81
N PHE A 153 31.45 -7.70 20.79
CA PHE A 153 32.15 -7.69 19.52
C PHE A 153 33.54 -7.07 19.65
N GLU A 154 33.63 -5.96 20.39
CA GLU A 154 34.94 -5.36 20.61
C GLU A 154 35.85 -6.29 21.41
N SER A 155 35.28 -7.11 22.29
CA SER A 155 36.06 -8.10 23.02
C SER A 155 36.67 -9.12 22.07
N ARG A 156 35.91 -9.56 21.06
CA ARG A 156 36.48 -10.42 20.03
C ARG A 156 37.61 -9.72 19.29
N LEU A 157 37.40 -8.44 18.94
CA LEU A 157 38.44 -7.69 18.25
C LEU A 157 39.67 -7.49 19.13
N ASP A 158 39.46 -7.13 20.40
CA ASP A 158 40.54 -6.91 21.35
C ASP A 158 41.30 -8.18 21.69
N GLY A 159 40.86 -9.34 21.20
CA GLY A 159 41.53 -10.61 21.47
C GLY A 159 42.27 -11.23 20.31
N ILE A 160 42.45 -10.51 19.19
CA ILE A 160 43.24 -11.03 18.07
C ILE A 160 44.66 -11.35 18.53
N THR A 161 45.19 -12.50 18.08
CA THR A 161 46.49 -12.96 18.60
C THR A 161 47.44 -13.59 17.58
N PHE A 162 47.04 -13.84 16.34
CA PHE A 162 47.87 -14.58 15.35
C PHE A 162 48.25 -15.97 15.86
N PRO B 23 -5.15 -6.83 4.08
CA PRO B 23 -3.78 -6.45 4.44
C PRO B 23 -3.31 -5.22 3.67
N THR B 24 -2.57 -4.35 4.36
CA THR B 24 -2.11 -3.10 3.78
C THR B 24 -0.83 -3.29 2.97
N ARG B 25 -0.42 -2.20 2.33
CA ARG B 25 0.87 -2.15 1.65
C ARG B 25 2.00 -2.58 2.56
N GLU B 26 2.03 -2.02 3.78
CA GLU B 26 3.10 -2.30 4.73
C GLU B 26 3.08 -3.75 5.18
N ASP B 27 1.88 -4.31 5.40
CA ASP B 27 1.79 -5.71 5.82
C ASP B 27 2.37 -6.64 4.74
N LEU B 28 2.04 -6.38 3.47
CA LEU B 28 2.51 -7.23 2.38
C LEU B 28 4.03 -7.22 2.28
N VAL B 29 4.62 -6.02 2.23
CA VAL B 29 6.07 -5.92 2.19
C VAL B 29 6.70 -6.52 3.44
N ALA B 30 6.04 -6.36 4.60
CA ALA B 30 6.57 -6.95 5.82
C ALA B 30 6.75 -8.45 5.66
N THR B 31 5.77 -9.11 5.06
CA THR B 31 5.90 -10.54 4.82
C THR B 31 7.02 -10.81 3.81
N ALA B 32 7.15 -9.97 2.78
CA ALA B 32 8.21 -10.18 1.81
C ALA B 32 9.57 -9.95 2.43
N LYS B 33 9.67 -8.94 3.31
CA LYS B 33 10.90 -8.71 4.06
C LYS B 33 11.25 -9.90 4.95
N LEU B 34 10.25 -10.48 5.60
CA LEU B 34 10.53 -11.59 6.51
C LEU B 34 11.02 -12.80 5.73
N PHE B 35 10.38 -13.08 4.60
CA PHE B 35 10.85 -14.15 3.72
C PHE B 35 12.33 -13.98 3.41
N ILE B 36 12.73 -12.79 2.99
CA ILE B 36 14.14 -12.55 2.65
C ILE B 36 15.03 -12.80 3.86
N ALA B 37 14.64 -12.27 5.01
CA ALA B 37 15.43 -12.44 6.23
C ALA B 37 15.63 -13.91 6.55
N LYS B 38 14.55 -14.70 6.48
CA LYS B 38 14.68 -16.12 6.75
C LYS B 38 15.44 -16.81 5.63
N TYR B 39 15.22 -16.34 4.40
CA TYR B 39 15.95 -16.88 3.24
C TYR B 39 17.45 -16.79 3.48
N ASN B 40 17.91 -15.66 4.01
CA ASN B 40 19.33 -15.46 4.26
C ASN B 40 19.89 -16.39 5.33
N GLU B 41 19.03 -16.93 6.20
CA GLU B 41 19.50 -17.97 7.13
C GLU B 41 19.84 -19.25 6.39
N PHE B 42 19.17 -19.50 5.25
CA PHE B 42 19.61 -20.50 4.28
C PHE B 42 19.71 -21.90 4.89
N THR B 43 18.66 -22.31 5.60
CA THR B 43 18.47 -23.71 5.96
C THR B 43 17.17 -24.18 5.35
N PRO B 44 16.99 -25.50 5.19
CA PRO B 44 15.70 -26.00 4.69
C PRO B 44 14.51 -25.50 5.51
N GLU B 45 14.66 -25.38 6.83
CA GLU B 45 13.58 -24.88 7.68
C GLU B 45 13.33 -23.39 7.47
N SER B 46 14.40 -22.60 7.42
CA SER B 46 14.23 -21.16 7.26
C SER B 46 13.63 -20.78 5.92
N ILE B 47 13.95 -21.53 4.84
CA ILE B 47 13.52 -21.09 3.51
C ILE B 47 12.07 -21.44 3.23
N ILE B 48 11.48 -22.34 4.02
CA ILE B 48 10.04 -22.63 3.94
C ILE B 48 9.24 -21.91 5.03
N SER B 49 9.90 -21.20 5.94
CA SER B 49 9.22 -20.74 7.14
C SER B 49 8.25 -19.59 6.90
N VAL B 50 8.29 -18.96 5.72
CA VAL B 50 7.34 -17.89 5.44
C VAL B 50 6.45 -18.24 4.24
N ARG B 51 6.34 -19.53 3.91
CA ARG B 51 5.57 -19.97 2.75
C ARG B 51 4.39 -20.82 3.18
N THR B 52 3.27 -20.67 2.48
CA THR B 52 2.15 -21.59 2.64
C THR B 52 2.60 -22.98 2.20
N PRO B 53 2.03 -24.05 2.79
CA PRO B 53 2.51 -25.40 2.49
C PRO B 53 2.29 -25.84 1.05
N ASN B 54 1.34 -25.24 0.34
CA ASN B 54 1.09 -25.58 -1.05
C ASN B 54 1.71 -24.58 -2.01
N SER B 55 2.52 -23.66 -1.50
CA SER B 55 3.14 -22.66 -2.36
C SER B 55 4.05 -23.31 -3.39
N VAL B 56 4.19 -22.64 -4.52
CA VAL B 56 5.05 -23.11 -5.60
C VAL B 56 5.99 -21.98 -5.98
N SER B 57 7.27 -22.32 -6.13
CA SER B 57 8.31 -21.40 -6.56
C SER B 57 8.59 -21.59 -8.06
N HIS B 58 8.40 -20.53 -8.84
CA HIS B 58 8.57 -20.53 -10.28
C HIS B 58 9.81 -19.73 -10.68
N ARG B 59 10.22 -19.92 -11.93
CA ARG B 59 11.25 -19.09 -12.53
C ARG B 59 10.70 -18.38 -13.76
N LEU B 60 11.06 -17.11 -13.91
CA LEU B 60 10.85 -16.44 -15.17
C LEU B 60 11.88 -16.96 -16.18
N PHE B 61 11.65 -16.65 -17.45
CA PHE B 61 12.58 -16.97 -18.54
C PHE B 61 12.64 -18.47 -18.82
N PRO B 62 12.58 -18.85 -20.10
CA PRO B 62 12.65 -20.28 -20.47
C PRO B 62 13.94 -20.98 -20.06
N THR B 63 15.10 -20.36 -20.25
CA THR B 63 16.36 -21.03 -19.93
C THR B 63 16.45 -21.29 -18.42
N ARG B 64 16.79 -22.52 -18.05
CA ARG B 64 16.86 -22.94 -16.65
C ARG B 64 15.53 -22.79 -15.91
N ASN B 65 14.40 -22.80 -16.62
CA ASN B 65 13.11 -22.71 -15.94
C ASN B 65 12.91 -23.92 -15.04
N ALA B 66 12.29 -23.68 -13.87
CA ALA B 66 12.06 -24.75 -12.89
C ALA B 66 10.94 -24.35 -11.94
N THR B 67 10.17 -25.35 -11.49
CA THR B 67 9.02 -25.16 -10.61
C THR B 67 9.17 -26.08 -9.40
N ARG B 68 9.07 -25.51 -8.20
CA ARG B 68 9.39 -26.24 -6.97
C ARG B 68 8.33 -26.05 -5.90
N ASN B 69 7.79 -27.16 -5.38
CA ASN B 69 6.91 -27.12 -4.21
C ASN B 69 7.78 -27.02 -2.93
N ILE B 70 7.17 -27.18 -1.76
CA ILE B 70 7.92 -26.99 -0.52
C ILE B 70 9.02 -28.04 -0.38
N GLY B 71 8.68 -29.31 -0.59
CA GLY B 71 9.67 -30.37 -0.40
C GLY B 71 10.79 -30.32 -1.43
N GLU B 72 10.44 -29.98 -2.68
CA GLU B 72 11.46 -29.76 -3.69
C GLU B 72 12.37 -28.58 -3.30
N SER B 73 11.78 -27.54 -2.71
CA SER B 73 12.58 -26.39 -2.29
C SER B 73 13.55 -26.77 -1.18
N MET B 74 13.09 -27.59 -0.21
CA MET B 74 13.98 -28.02 0.86
C MET B 74 15.10 -28.90 0.31
N GLU B 75 14.75 -29.79 -0.62
CA GLU B 75 15.76 -30.62 -1.27
C GLU B 75 16.78 -29.76 -2.00
N ALA B 76 16.29 -28.72 -2.71
CA ALA B 76 17.19 -27.87 -3.50
C ALA B 76 18.10 -27.05 -2.60
N CYS B 77 17.57 -26.60 -1.46
CA CYS B 77 18.38 -25.84 -0.52
C CYS B 77 19.52 -26.70 0.03
N ALA B 78 19.20 -27.93 0.42
CA ALA B 78 20.23 -28.82 0.93
C ALA B 78 21.29 -29.10 -0.14
N ASN B 79 20.87 -29.30 -1.39
CA ASN B 79 21.86 -29.47 -2.46
C ASN B 79 22.67 -28.20 -2.66
N ALA B 80 22.03 -27.03 -2.62
CA ALA B 80 22.80 -25.80 -2.83
C ALA B 80 23.77 -25.54 -1.68
N LYS B 81 23.52 -26.08 -0.49
CA LYS B 81 24.45 -25.88 0.61
C LYS B 81 25.74 -26.69 0.43
N GLU B 82 25.73 -27.73 -0.40
CA GLU B 82 26.98 -28.39 -0.74
C GLU B 82 27.92 -27.46 -1.49
N VAL B 83 27.36 -26.47 -2.19
CA VAL B 83 28.13 -25.59 -3.06
C VAL B 83 28.33 -24.21 -2.44
N PHE B 84 27.28 -23.65 -1.86
CA PHE B 84 27.32 -22.32 -1.26
C PHE B 84 27.68 -22.45 0.22
N LYS B 85 28.82 -21.88 0.62
CA LYS B 85 29.13 -21.85 2.04
C LYS B 85 28.25 -20.83 2.76
N SER B 86 28.05 -19.67 2.15
CA SER B 86 27.13 -18.66 2.65
C SER B 86 26.35 -18.07 1.48
N LEU B 87 25.26 -17.37 1.82
CA LEU B 87 24.41 -16.72 0.83
C LEU B 87 23.71 -15.54 1.47
N THR B 88 23.69 -14.41 0.75
CA THR B 88 23.00 -13.22 1.19
C THR B 88 22.27 -12.61 -0.01
N VAL B 89 20.97 -12.36 0.15
CA VAL B 89 20.23 -11.53 -0.79
C VAL B 89 19.66 -10.35 -0.04
N SER B 90 19.77 -9.17 -0.64
CA SER B 90 19.30 -7.96 0.01
C SER B 90 18.61 -7.06 -1.01
N VAL B 91 17.55 -6.40 -0.57
CA VAL B 91 16.85 -5.44 -1.40
C VAL B 91 17.80 -4.28 -1.70
N ILE B 92 18.04 -4.01 -2.98
CA ILE B 92 18.97 -2.95 -3.36
C ILE B 92 18.44 -1.59 -2.93
N ASP B 93 17.15 -1.31 -3.16
CA ASP B 93 16.58 -0.03 -2.75
C ASP B 93 15.09 -0.17 -2.47
N ASP B 94 14.69 0.08 -1.21
CA ASP B 94 13.28 -0.08 -0.82
C ASP B 94 12.35 0.80 -1.66
N ASN B 95 12.84 1.95 -2.16
CA ASN B 95 12.01 2.82 -2.98
C ASN B 95 11.63 2.20 -4.32
N ASP B 96 12.34 1.18 -4.77
CA ASP B 96 12.06 0.50 -6.03
C ASP B 96 11.11 -0.67 -5.86
N THR B 97 10.74 -1.00 -4.62
CA THR B 97 9.78 -2.06 -4.35
C THR B 97 8.42 -1.72 -4.94
N ILE B 98 7.78 -2.71 -5.55
CA ILE B 98 6.49 -2.55 -6.21
C ILE B 98 5.49 -3.36 -5.41
N VAL B 99 4.33 -2.77 -5.11
CA VAL B 99 3.31 -3.46 -4.32
C VAL B 99 1.96 -3.26 -4.97
N ASP B 100 1.22 -4.36 -5.12
CA ASP B 100 -0.13 -4.35 -5.68
C ASP B 100 -1.03 -4.90 -4.57
N GLU B 101 -1.74 -4.00 -3.89
CA GLU B 101 -2.59 -4.42 -2.78
C GLU B 101 -3.74 -5.30 -3.24
N ARG B 102 -4.29 -5.06 -4.44
CA ARG B 102 -5.41 -5.87 -4.94
C ARG B 102 -4.99 -7.32 -5.19
N THR B 103 -3.83 -7.53 -5.79
CA THR B 103 -3.41 -8.89 -6.10
C THR B 103 -2.48 -9.46 -5.03
N ARG B 104 -2.16 -8.65 -4.00
CA ARG B 104 -1.32 -9.06 -2.88
C ARG B 104 0.10 -9.42 -3.35
N LYS B 105 0.62 -8.65 -4.29
CA LYS B 105 1.91 -8.96 -4.90
C LYS B 105 2.96 -7.93 -4.51
N VAL B 106 4.18 -8.42 -4.28
CA VAL B 106 5.34 -7.57 -4.01
C VAL B 106 6.44 -7.93 -4.99
N VAL B 107 7.14 -6.93 -5.50
CA VAL B 107 8.31 -7.12 -6.36
C VAL B 107 9.54 -6.54 -5.69
N PHE B 108 10.55 -7.36 -5.45
CA PHE B 108 11.85 -6.93 -4.97
C PHE B 108 12.88 -7.06 -6.10
N TYR B 109 13.77 -6.08 -6.22
CA TYR B 109 15.00 -6.26 -6.99
C TYR B 109 16.16 -6.36 -6.01
N LEU B 110 16.93 -7.45 -6.11
CA LEU B 110 17.81 -7.90 -5.05
C LEU B 110 19.26 -8.01 -5.54
N ALA B 111 20.19 -7.80 -4.61
CA ALA B 111 21.58 -8.16 -4.82
C ALA B 111 21.82 -9.50 -4.14
N SER B 112 22.48 -10.42 -4.83
CA SER B 112 22.84 -11.73 -4.28
C SER B 112 24.35 -11.84 -4.18
N ARG B 113 24.82 -12.35 -3.04
CA ARG B 113 26.24 -12.58 -2.77
C ARG B 113 26.40 -13.90 -2.05
N GLY B 114 27.50 -14.59 -2.34
CA GLY B 114 27.76 -15.83 -1.64
C GLY B 114 29.20 -16.26 -1.78
N ASP B 115 29.59 -17.11 -0.83
CA ASP B 115 30.88 -17.78 -0.88
C ASP B 115 30.62 -19.22 -1.25
N THR B 116 31.32 -19.71 -2.28
CA THR B 116 31.02 -21.02 -2.83
C THR B 116 32.31 -21.80 -3.00
N ILE B 117 32.19 -23.10 -3.25
CA ILE B 117 33.36 -23.91 -3.43
C ILE B 117 34.14 -23.50 -4.69
N VAL B 118 33.53 -22.76 -5.63
CA VAL B 118 34.31 -22.26 -6.76
C VAL B 118 34.54 -20.75 -6.68
N GLY B 119 34.43 -20.17 -5.48
CA GLY B 119 34.70 -18.76 -5.33
C GLY B 119 33.44 -17.90 -5.22
N GLU B 120 33.60 -16.63 -5.57
CA GLU B 120 32.57 -15.63 -5.30
C GLU B 120 31.34 -15.83 -6.19
N TRP B 121 30.15 -15.71 -5.58
CA TRP B 121 28.89 -15.53 -6.27
C TRP B 121 28.44 -14.08 -6.12
N LYS B 122 28.16 -13.42 -7.24
CA LYS B 122 27.74 -12.02 -7.19
C LYS B 122 26.81 -11.77 -8.36
N SER B 123 25.53 -11.54 -8.08
CA SER B 123 24.56 -11.32 -9.16
C SER B 123 23.42 -10.45 -8.64
N GLU B 124 22.37 -10.35 -9.43
CA GLU B 124 21.14 -9.67 -9.05
C GLU B 124 19.97 -10.47 -9.60
N CYS B 125 18.81 -10.29 -8.97
CA CYS B 125 17.65 -11.07 -9.35
C CYS B 125 16.39 -10.31 -8.95
N ILE B 126 15.30 -10.63 -9.63
CA ILE B 126 13.99 -10.05 -9.34
C ILE B 126 13.13 -11.14 -8.75
N PHE B 127 12.54 -10.86 -7.58
CA PHE B 127 11.63 -11.78 -6.91
C PHE B 127 10.24 -11.16 -6.94
N ILE B 128 9.25 -11.95 -7.34
CA ILE B 128 7.86 -11.53 -7.29
C ILE B 128 7.15 -12.44 -6.30
N PHE B 129 6.45 -11.84 -5.35
CA PHE B 129 5.74 -12.61 -4.33
C PHE B 129 4.25 -12.39 -4.52
N GLN B 130 3.46 -13.45 -4.30
CA GLN B 130 2.03 -13.29 -4.08
C GLN B 130 1.71 -13.78 -2.68
N MET B 131 1.12 -12.91 -1.86
CA MET B 131 0.84 -13.31 -0.48
C MET B 131 -0.48 -14.05 -0.37
N SER B 132 -0.64 -14.73 0.76
CA SER B 132 -1.92 -15.34 1.11
C SER B 132 -2.98 -14.26 1.31
N GLU B 133 -4.24 -14.71 1.36
CA GLU B 133 -5.36 -13.80 1.60
C GLU B 133 -5.12 -12.89 2.81
N ASP B 134 -4.56 -13.43 3.89
CA ASP B 134 -4.36 -12.57 5.06
C ASP B 134 -3.06 -11.77 5.00
N GLY B 135 -2.26 -11.89 3.95
CA GLY B 135 -1.06 -11.08 3.78
C GLY B 135 0.18 -11.58 4.50
N LYS B 136 0.08 -12.65 5.27
CA LYS B 136 1.15 -13.04 6.20
C LYS B 136 2.08 -14.13 5.67
N LEU B 137 1.74 -14.78 4.55
CA LEU B 137 2.56 -15.85 4.02
C LEU B 137 2.72 -15.65 2.53
N VAL B 138 3.86 -16.11 2.01
CA VAL B 138 4.10 -16.13 0.58
C VAL B 138 3.35 -17.32 0.00
N ASP B 139 2.39 -17.04 -0.87
CA ASP B 139 1.66 -18.15 -1.47
C ASP B 139 2.25 -18.61 -2.80
N ARG B 140 2.94 -17.72 -3.51
CA ARG B 140 3.59 -18.10 -4.76
C ARG B 140 4.78 -17.16 -4.98
N ILE B 141 5.83 -17.69 -5.64
CA ILE B 141 7.09 -16.98 -5.91
C ILE B 141 7.46 -17.15 -7.38
N TRP B 142 7.85 -16.06 -8.02
CA TRP B 142 8.51 -16.08 -9.31
C TRP B 142 9.88 -15.42 -9.14
N ALA B 143 10.94 -16.08 -9.62
CA ALA B 143 12.30 -15.55 -9.53
C ALA B 143 12.88 -15.35 -10.93
N GLY B 144 13.22 -14.11 -11.25
CA GLY B 144 13.97 -13.86 -12.47
C GLY B 144 15.44 -13.70 -12.16
N PHE B 145 16.26 -14.64 -12.63
CA PHE B 145 17.71 -14.61 -12.43
C PHE B 145 18.42 -14.19 -13.71
N ASP B 146 19.66 -13.75 -13.53
CA ASP B 146 20.61 -13.44 -14.61
C ASP B 146 21.11 -14.78 -15.14
N THR B 147 20.45 -15.28 -16.19
CA THR B 147 20.66 -16.66 -16.59
C THR B 147 22.00 -16.86 -17.29
N ALA B 148 22.51 -15.85 -17.99
CA ALA B 148 23.87 -15.96 -18.51
C ALA B 148 24.86 -16.10 -17.36
N TYR B 149 24.62 -15.40 -16.25
CA TYR B 149 25.53 -15.54 -15.12
C TYR B 149 25.42 -16.93 -14.49
N MET B 150 24.22 -17.50 -14.44
CA MET B 150 24.09 -18.87 -13.98
C MET B 150 24.92 -19.81 -14.84
N ASP B 151 24.79 -19.70 -16.17
CA ASP B 151 25.59 -20.53 -17.06
C ASP B 151 27.09 -20.36 -16.78
N GLU B 152 27.55 -19.12 -16.64
CA GLU B 152 28.95 -18.90 -16.31
C GLU B 152 29.32 -19.58 -15.01
N PHE B 153 28.43 -19.51 -14.02
CA PHE B 153 28.72 -20.13 -12.72
C PHE B 153 28.73 -21.65 -12.83
N GLU B 154 27.78 -22.23 -13.56
CA GLU B 154 27.82 -23.68 -13.74
C GLU B 154 29.09 -24.13 -14.46
N SER B 155 29.60 -23.32 -15.39
CA SER B 155 30.83 -23.75 -16.05
C SER B 155 32.02 -23.67 -15.10
N ARG B 156 31.97 -22.76 -14.11
CA ARG B 156 32.96 -22.80 -13.04
C ARG B 156 32.82 -24.06 -12.21
N LEU B 157 31.57 -24.44 -11.88
CA LEU B 157 31.34 -25.70 -11.18
C LEU B 157 31.85 -26.88 -11.99
N ASP B 158 31.43 -26.96 -13.25
CA ASP B 158 31.88 -28.03 -14.12
C ASP B 158 33.38 -27.99 -14.40
N GLY B 159 34.09 -26.96 -13.95
CA GLY B 159 35.52 -26.88 -14.14
C GLY B 159 36.34 -27.14 -12.89
N ILE B 160 35.72 -27.79 -11.89
CA ILE B 160 36.45 -28.12 -10.67
C ILE B 160 37.57 -29.11 -10.97
N THR B 161 38.75 -28.86 -10.39
CA THR B 161 39.92 -29.71 -10.58
C THR B 161 40.72 -29.80 -9.27
N PHE B 162 41.23 -30.99 -8.98
CA PHE B 162 42.15 -31.18 -7.86
C PHE B 162 42.92 -32.48 -8.04
N PRO C 23 -6.87 12.97 17.81
CA PRO C 23 -5.87 13.28 18.84
C PRO C 23 -4.74 14.15 18.30
N THR C 24 -4.57 15.33 18.87
CA THR C 24 -3.60 16.27 18.32
C THR C 24 -2.18 15.89 18.73
N ARG C 25 -1.22 16.55 18.10
CA ARG C 25 0.17 16.42 18.54
C ARG C 25 0.30 16.74 20.03
N GLU C 26 -0.41 17.77 20.49
CA GLU C 26 -0.35 18.16 21.89
C GLU C 26 -1.01 17.12 22.77
N ASP C 27 -2.10 16.51 22.30
CA ASP C 27 -2.74 15.42 23.05
C ASP C 27 -1.77 14.27 23.30
N LEU C 28 -1.10 13.83 22.23
CA LEU C 28 -0.25 12.65 22.34
C LEU C 28 0.90 12.89 23.31
N VAL C 29 1.58 14.03 23.17
CA VAL C 29 2.66 14.36 24.10
C VAL C 29 2.16 14.40 25.54
N ALA C 30 0.97 14.94 25.77
CA ALA C 30 0.47 15.05 27.14
C ALA C 30 0.30 13.68 27.77
N THR C 31 -0.30 12.75 27.04
CA THR C 31 -0.49 11.41 27.59
C THR C 31 0.86 10.73 27.85
N ALA C 32 1.81 10.86 26.92
CA ALA C 32 3.13 10.27 27.16
C ALA C 32 3.80 10.93 28.37
N LYS C 33 3.67 12.25 28.50
CA LYS C 33 4.26 12.91 29.65
C LYS C 33 3.55 12.50 30.94
N LEU C 34 2.25 12.23 30.88
CA LEU C 34 1.59 11.67 32.06
C LEU C 34 2.13 10.29 32.38
N PHE C 35 2.32 9.45 31.36
CA PHE C 35 2.88 8.13 31.61
C PHE C 35 4.20 8.23 32.35
N ILE C 36 5.06 9.16 31.91
CA ILE C 36 6.34 9.35 32.56
C ILE C 36 6.16 9.73 34.03
N ALA C 37 5.22 10.65 34.32
CA ALA C 37 5.00 11.07 35.69
C ALA C 37 4.65 9.89 36.58
N LYS C 38 3.69 9.06 36.15
CA LYS C 38 3.30 7.92 36.97
C LYS C 38 4.39 6.86 37.00
N TYR C 39 5.21 6.80 35.94
CA TYR C 39 6.37 5.93 35.92
C TYR C 39 7.34 6.29 37.03
N ASN C 40 7.60 7.58 37.21
CA ASN C 40 8.51 8.01 38.26
C ASN C 40 7.92 7.77 39.66
N GLU C 41 6.58 7.73 39.79
CA GLU C 41 6.02 7.32 41.08
C GLU C 41 6.37 5.86 41.39
N PHE C 42 6.54 5.04 40.35
CA PHE C 42 7.28 3.77 40.45
C PHE C 42 6.63 2.79 41.44
N THR C 43 5.31 2.68 41.39
CA THR C 43 4.65 1.58 42.07
C THR C 43 3.98 0.70 41.02
N PRO C 44 3.75 -0.59 41.33
CA PRO C 44 3.09 -1.45 40.34
C PRO C 44 1.79 -0.88 39.81
N GLU C 45 1.01 -0.17 40.64
CA GLU C 45 -0.24 0.42 40.16
C GLU C 45 0.02 1.65 39.29
N SER C 46 1.01 2.46 39.66
CA SER C 46 1.23 3.72 38.93
C SER C 46 1.80 3.45 37.55
N ILE C 47 2.69 2.46 37.43
CA ILE C 47 3.32 2.20 36.16
C ILE C 47 2.38 1.56 35.15
N ILE C 48 1.20 1.10 35.56
CA ILE C 48 0.18 0.68 34.60
C ILE C 48 -1.00 1.63 34.54
N SER C 49 -0.99 2.69 35.35
CA SER C 49 -2.18 3.54 35.44
C SER C 49 -2.50 4.27 34.13
N VAL C 50 -1.54 4.43 33.24
CA VAL C 50 -1.75 5.13 31.98
C VAL C 50 -1.72 4.16 30.80
N ARG C 51 -1.89 2.87 31.04
CA ARG C 51 -1.84 1.88 29.98
C ARG C 51 -3.21 1.26 29.75
N THR C 52 -3.43 0.80 28.50
CA THR C 52 -4.66 0.09 28.19
C THR C 52 -4.59 -1.32 28.75
N PRO C 53 -5.74 -1.99 28.90
CA PRO C 53 -5.73 -3.32 29.53
C PRO C 53 -4.96 -4.38 28.76
N ASN C 54 -4.90 -4.28 27.44
CA ASN C 54 -4.15 -5.24 26.63
C ASN C 54 -2.80 -4.71 26.20
N SER C 55 -2.36 -3.57 26.75
CA SER C 55 -1.09 -3.01 26.33
C SER C 55 0.06 -3.97 26.64
N VAL C 56 1.09 -3.92 25.81
CA VAL C 56 2.28 -4.71 26.04
C VAL C 56 3.49 -3.78 25.95
N SER C 57 4.51 -4.11 26.74
CA SER C 57 5.77 -3.37 26.75
C SER C 57 6.83 -4.22 26.09
N HIS C 58 7.53 -3.65 25.10
CA HIS C 58 8.62 -4.32 24.40
C HIS C 58 9.95 -3.67 24.78
N ARG C 59 10.97 -4.49 24.93
CA ARG C 59 12.33 -3.97 24.98
C ARG C 59 12.94 -4.11 23.60
N LEU C 60 13.65 -3.07 23.18
CA LEU C 60 14.44 -3.14 21.96
C LEU C 60 15.74 -3.90 22.22
N PHE C 61 16.39 -4.30 21.13
CA PHE C 61 17.72 -4.93 21.10
C PHE C 61 17.66 -6.38 21.56
N PRO C 62 18.39 -7.27 20.86
CA PRO C 62 18.32 -8.70 21.17
C PRO C 62 18.75 -9.09 22.57
N THR C 63 19.80 -8.47 23.13
CA THR C 63 20.44 -9.07 24.31
C THR C 63 19.53 -9.04 25.53
N ARG C 64 18.86 -7.92 25.80
CA ARG C 64 17.94 -7.84 26.94
C ARG C 64 16.47 -7.93 26.51
N ASN C 65 16.19 -8.68 25.43
CA ASN C 65 14.84 -8.76 24.89
C ASN C 65 13.83 -9.24 25.94
N ALA C 66 12.63 -8.66 25.92
CA ALA C 66 11.57 -8.99 26.87
C ALA C 66 10.28 -8.33 26.43
N THR C 67 9.16 -8.96 26.77
CA THR C 67 7.82 -8.47 26.41
C THR C 67 6.88 -8.71 27.58
N ARG C 68 6.24 -7.64 28.07
CA ARG C 68 5.45 -7.70 29.29
C ARG C 68 4.06 -7.13 29.07
N ASN C 69 3.04 -7.88 29.49
CA ASN C 69 1.68 -7.39 29.53
C ASN C 69 1.47 -6.62 30.85
N ILE C 70 0.23 -6.27 31.16
CA ILE C 70 -0.05 -5.55 32.39
C ILE C 70 0.39 -6.36 33.61
N GLY C 71 -0.05 -7.63 33.68
CA GLY C 71 0.30 -8.45 34.82
C GLY C 71 1.80 -8.64 34.98
N GLU C 72 2.49 -8.89 33.86
CA GLU C 72 3.94 -9.08 33.94
C GLU C 72 4.64 -7.78 34.32
N SER C 73 4.14 -6.63 33.82
CA SER C 73 4.78 -5.35 34.13
C SER C 73 4.66 -5.01 35.60
N MET C 74 3.49 -5.27 36.19
CA MET C 74 3.34 -5.03 37.63
C MET C 74 4.36 -5.84 38.41
N GLU C 75 4.56 -7.10 38.02
CA GLU C 75 5.44 -7.96 38.79
C GLU C 75 6.91 -7.57 38.60
N ALA C 76 7.29 -7.16 37.39
CA ALA C 76 8.64 -6.65 37.17
C ALA C 76 8.91 -5.41 38.03
N CYS C 77 7.90 -4.55 38.16
CA CYS C 77 8.03 -3.35 38.98
C CYS C 77 8.28 -3.69 40.44
N ALA C 78 7.47 -4.60 41.01
CA ALA C 78 7.64 -4.95 42.41
C ALA C 78 9.04 -5.52 42.65
N ASN C 79 9.52 -6.34 41.72
CA ASN C 79 10.89 -6.87 41.82
C ASN C 79 11.92 -5.76 41.71
N ALA C 80 11.76 -4.87 40.73
CA ALA C 80 12.73 -3.80 40.55
C ALA C 80 12.78 -2.88 41.76
N LYS C 81 11.67 -2.79 42.49
CA LYS C 81 11.63 -1.98 43.70
C LYS C 81 12.52 -2.55 44.80
N GLU C 82 12.88 -3.84 44.75
CA GLU C 82 13.79 -4.39 45.75
C GLU C 82 15.22 -3.92 45.55
N VAL C 83 15.53 -3.37 44.38
CA VAL C 83 16.86 -2.85 44.07
C VAL C 83 16.85 -1.34 43.95
N PHE C 84 15.86 -0.79 43.26
CA PHE C 84 15.75 0.64 43.02
C PHE C 84 14.94 1.28 44.14
N LYS C 85 15.60 2.08 44.98
CA LYS C 85 14.93 2.80 46.04
C LYS C 85 14.15 4.00 45.49
N SER C 86 14.61 4.57 44.38
CA SER C 86 13.99 5.72 43.77
C SER C 86 14.41 5.79 42.31
N LEU C 87 13.52 6.28 41.45
CA LEU C 87 13.75 6.33 40.02
C LEU C 87 13.17 7.61 39.43
N THR C 88 13.94 8.28 38.58
CA THR C 88 13.46 9.43 37.82
C THR C 88 13.94 9.29 36.38
N VAL C 89 13.01 9.20 35.43
CA VAL C 89 13.33 9.40 34.03
C VAL C 89 12.71 10.73 33.61
N SER C 90 13.48 11.50 32.84
CA SER C 90 13.04 12.81 32.39
C SER C 90 13.46 13.03 30.94
N VAL C 91 12.62 13.78 30.22
CA VAL C 91 12.94 14.16 28.85
C VAL C 91 14.15 15.08 28.88
N ILE C 92 15.17 14.75 28.09
CA ILE C 92 16.37 15.58 28.11
C ILE C 92 16.12 16.91 27.41
N ASP C 93 15.43 16.88 26.27
CA ASP C 93 15.22 18.08 25.46
C ASP C 93 13.90 17.91 24.73
N ASP C 94 12.91 18.74 25.08
CA ASP C 94 11.61 18.67 24.41
C ASP C 94 11.71 18.94 22.93
N ASN C 95 12.79 19.55 22.47
CA ASN C 95 12.98 19.82 21.05
C ASN C 95 13.35 18.56 20.27
N ASP C 96 13.84 17.51 20.94
CA ASP C 96 14.19 16.25 20.31
C ASP C 96 13.04 15.26 20.28
N THR C 97 11.92 15.59 20.90
CA THR C 97 10.76 14.71 20.94
C THR C 97 10.16 14.55 19.56
N ILE C 98 9.74 13.33 19.24
CA ILE C 98 9.20 12.97 17.94
C ILE C 98 7.74 12.58 18.12
N VAL C 99 6.86 13.16 17.31
CA VAL C 99 5.44 12.81 17.36
C VAL C 99 4.94 12.47 15.95
N ASP C 100 4.29 11.32 15.83
CA ASP C 100 3.69 10.87 14.59
C ASP C 100 2.18 10.84 14.81
N GLU C 101 1.49 11.87 14.30
CA GLU C 101 0.04 11.95 14.51
C GLU C 101 -0.70 10.80 13.84
N ARG C 102 -0.19 10.29 12.72
CA ARG C 102 -0.93 9.26 11.98
C ARG C 102 -0.91 7.93 12.73
N THR C 103 0.22 7.56 13.33
CA THR C 103 0.34 6.30 14.05
C THR C 103 0.18 6.49 15.55
N ARG C 104 -0.05 7.72 15.99
CA ARG C 104 -0.25 8.05 17.40
C ARG C 104 0.96 7.67 18.25
N LYS C 105 2.15 7.87 17.69
CA LYS C 105 3.39 7.51 18.39
C LYS C 105 4.12 8.75 18.89
N VAL C 106 4.74 8.63 20.07
CA VAL C 106 5.62 9.64 20.63
C VAL C 106 6.95 8.98 20.97
N VAL C 107 8.05 9.69 20.73
CA VAL C 107 9.38 9.20 21.07
C VAL C 107 10.04 10.23 21.99
N PHE C 108 10.54 9.76 23.13
CA PHE C 108 11.33 10.54 24.07
C PHE C 108 12.74 9.98 24.15
N TYR C 109 13.73 10.85 24.18
CA TYR C 109 15.06 10.45 24.62
C TYR C 109 15.24 10.91 26.06
N LEU C 110 15.51 9.98 26.96
CA LEU C 110 15.35 10.23 28.39
C LEU C 110 16.62 9.95 29.16
N ALA C 111 16.92 10.83 30.13
CA ALA C 111 17.89 10.52 31.18
C ALA C 111 17.24 9.69 32.28
N SER C 112 17.97 8.68 32.78
CA SER C 112 17.47 7.82 33.84
C SER C 112 18.39 7.98 35.04
N ARG C 113 17.78 8.15 36.21
CA ARG C 113 18.52 8.43 37.43
C ARG C 113 17.90 7.63 38.57
N GLY C 114 18.71 6.82 39.24
CA GLY C 114 18.20 5.90 40.22
C GLY C 114 19.03 5.92 41.49
N ASP C 115 18.35 5.60 42.58
CA ASP C 115 18.99 5.35 43.88
C ASP C 115 18.75 3.89 44.19
N THR C 116 19.82 3.12 44.28
CA THR C 116 19.71 1.65 44.35
C THR C 116 20.53 1.13 45.52
N ILE C 117 20.29 -0.14 45.85
CA ILE C 117 21.02 -0.81 46.94
C ILE C 117 22.51 -0.95 46.67
N VAL C 118 22.96 -0.78 45.43
CA VAL C 118 24.41 -0.78 45.19
C VAL C 118 24.88 0.59 44.71
N GLY C 119 24.10 1.63 44.97
CA GLY C 119 24.50 2.99 44.68
C GLY C 119 23.78 3.61 43.49
N GLU C 120 24.42 4.62 42.93
CA GLU C 120 23.83 5.47 41.90
C GLU C 120 23.61 4.70 40.59
N TRP C 121 22.41 4.83 40.05
CA TRP C 121 22.08 4.46 38.67
C TRP C 121 22.04 5.75 37.85
N LYS C 122 22.74 5.75 36.71
CA LYS C 122 22.74 6.90 35.82
C LYS C 122 22.90 6.42 34.39
N SER C 123 21.90 6.69 33.54
CA SER C 123 21.94 6.18 32.17
C SER C 123 20.98 7.02 31.35
N GLU C 124 20.74 6.57 30.12
CA GLU C 124 19.80 7.19 29.20
C GLU C 124 19.09 6.09 28.42
N CYS C 125 17.86 6.39 27.99
CA CYS C 125 17.08 5.43 27.24
C CYS C 125 16.18 6.16 26.27
N ILE C 126 15.62 5.41 25.34
CA ILE C 126 14.66 5.93 24.39
C ILE C 126 13.37 5.17 24.61
N PHE C 127 12.27 5.89 24.70
CA PHE C 127 10.95 5.31 24.93
C PHE C 127 10.08 5.67 23.73
N ILE C 128 9.38 4.69 23.19
CA ILE C 128 8.42 4.91 22.12
C ILE C 128 7.05 4.48 22.61
N PHE C 129 6.09 5.42 22.59
CA PHE C 129 4.72 5.14 22.98
C PHE C 129 3.83 5.20 21.75
N GLN C 130 2.95 4.22 21.61
CA GLN C 130 1.80 4.32 20.74
C GLN C 130 0.54 4.45 21.61
N MET C 131 -0.24 5.48 21.34
CA MET C 131 -1.43 5.80 22.12
C MET C 131 -2.66 5.08 21.58
N SER C 132 -3.63 4.88 22.46
CA SER C 132 -4.95 4.38 22.09
C SER C 132 -5.62 5.35 21.13
N GLU C 133 -6.69 4.86 20.48
CA GLU C 133 -7.34 5.64 19.43
C GLU C 133 -7.81 6.99 19.95
N ASP C 134 -8.31 7.06 21.19
CA ASP C 134 -8.73 8.35 21.71
C ASP C 134 -7.55 9.18 22.20
N GLY C 135 -6.36 8.59 22.31
CA GLY C 135 -5.18 9.33 22.69
C GLY C 135 -5.01 9.58 24.16
N LYS C 136 -5.78 8.90 25.01
CA LYS C 136 -5.68 9.12 26.45
C LYS C 136 -4.84 8.08 27.15
N LEU C 137 -4.63 6.91 26.57
CA LEU C 137 -3.86 5.87 27.25
C LEU C 137 -2.74 5.39 26.34
N VAL C 138 -1.73 4.76 26.96
CA VAL C 138 -0.64 4.13 26.23
C VAL C 138 -1.05 2.71 25.87
N ASP C 139 -1.11 2.42 24.56
CA ASP C 139 -1.47 1.09 24.09
C ASP C 139 -0.27 0.19 23.87
N ARG C 140 0.92 0.76 23.64
CA ARG C 140 2.08 -0.04 23.33
C ARG C 140 3.32 0.78 23.65
N ILE C 141 4.32 0.14 24.26
CA ILE C 141 5.58 0.75 24.64
C ILE C 141 6.73 -0.02 24.02
N TRP C 142 7.71 0.69 23.45
CA TRP C 142 9.01 0.10 23.19
C TRP C 142 10.06 0.88 23.96
N ALA C 143 11.02 0.16 24.53
CA ALA C 143 12.04 0.75 25.38
C ALA C 143 13.41 0.31 24.89
N GLY C 144 14.27 1.27 24.59
CA GLY C 144 15.66 0.98 24.25
C GLY C 144 16.59 1.45 25.38
N PHE C 145 17.21 0.50 26.05
CA PHE C 145 18.12 0.79 27.14
C PHE C 145 19.57 0.59 26.71
N ASP C 146 20.47 1.19 27.47
CA ASP C 146 21.91 1.00 27.31
C ASP C 146 22.25 -0.37 27.90
N THR C 147 22.33 -1.39 27.02
CA THR C 147 22.42 -2.76 27.52
C THR C 147 23.79 -3.10 28.08
N ALA C 148 24.85 -2.41 27.64
CA ALA C 148 26.14 -2.56 28.31
C ALA C 148 26.08 -2.02 29.73
N TYR C 149 25.44 -0.88 29.92
CA TYR C 149 25.33 -0.35 31.27
C TYR C 149 24.53 -1.29 32.16
N MET C 150 23.47 -1.90 31.62
CA MET C 150 22.71 -2.88 32.39
C MET C 150 23.60 -4.02 32.89
N ASP C 151 24.43 -4.58 32.00
CA ASP C 151 25.36 -5.63 32.41
C ASP C 151 26.29 -5.14 33.50
N GLU C 152 26.84 -3.94 33.30
CA GLU C 152 27.70 -3.33 34.31
C GLU C 152 26.95 -3.18 35.65
N PHE C 153 25.68 -2.77 35.62
CA PHE C 153 24.90 -2.67 36.85
C PHE C 153 24.69 -4.04 37.47
N GLU C 154 24.37 -5.04 36.66
CA GLU C 154 24.19 -6.39 37.19
C GLU C 154 25.47 -6.92 37.81
N SER C 155 26.64 -6.57 37.25
CA SER C 155 27.89 -6.93 37.90
C SER C 155 28.02 -6.26 39.26
N ARG C 156 27.50 -5.03 39.41
CA ARG C 156 27.51 -4.39 40.72
C ARG C 156 26.60 -5.14 41.69
N LEU C 157 25.38 -5.48 41.24
CA LEU C 157 24.48 -6.29 42.04
C LEU C 157 25.11 -7.62 42.43
N ASP C 158 25.82 -8.25 41.49
CA ASP C 158 26.43 -9.55 41.78
C ASP C 158 27.58 -9.42 42.76
N GLY C 159 28.09 -8.21 42.99
CA GLY C 159 29.16 -8.04 43.94
C GLY C 159 28.76 -7.69 45.36
N ILE C 160 27.47 -7.73 45.69
CA ILE C 160 27.06 -7.48 47.08
C ILE C 160 27.74 -8.49 47.97
N THR C 161 28.42 -7.99 49.02
CA THR C 161 29.28 -8.82 49.87
C THR C 161 29.12 -8.38 51.32
N PHE C 162 28.58 -9.26 52.16
CA PHE C 162 28.52 -9.00 53.61
C PHE C 162 29.86 -9.23 54.27
N PRO D 23 -3.81 9.02 -11.07
CA PRO D 23 -4.06 8.01 -12.13
C PRO D 23 -4.62 6.74 -11.56
N THR D 24 -5.68 6.21 -12.16
CA THR D 24 -6.31 5.02 -11.62
C THR D 24 -5.54 3.79 -12.05
N ARG D 25 -5.85 2.67 -11.36
CA ARG D 25 -5.31 1.38 -11.74
C ARG D 25 -5.52 1.12 -13.23
N GLU D 26 -6.73 1.38 -13.71
CA GLU D 26 -7.06 1.11 -15.10
C GLU D 26 -6.39 2.09 -16.06
N ASP D 27 -6.23 3.35 -15.66
CA ASP D 27 -5.48 4.29 -16.50
C ASP D 27 -4.05 3.79 -16.73
N LEU D 28 -3.38 3.37 -15.65
CA LEU D 28 -1.98 2.96 -15.74
C LEU D 28 -1.82 1.76 -16.68
N VAL D 29 -2.69 0.76 -16.54
CA VAL D 29 -2.63 -0.40 -17.42
C VAL D 29 -2.88 0.01 -18.87
N ALA D 30 -3.86 0.91 -19.08
CA ALA D 30 -4.15 1.38 -20.42
C ALA D 30 -2.91 2.00 -21.06
N THR D 31 -2.22 2.87 -20.33
CA THR D 31 -1.02 3.51 -20.86
C THR D 31 0.05 2.47 -21.17
N ALA D 32 0.23 1.49 -20.27
CA ALA D 32 1.22 0.44 -20.50
C ALA D 32 0.87 -0.38 -21.73
N LYS D 33 -0.40 -0.77 -21.87
CA LYS D 33 -0.82 -1.51 -23.08
C LYS D 33 -0.70 -0.67 -24.34
N LEU D 34 -0.87 0.65 -24.24
CA LEU D 34 -0.59 1.51 -25.39
C LEU D 34 0.90 1.47 -25.74
N PHE D 35 1.77 1.46 -24.73
CA PHE D 35 3.19 1.29 -25.01
C PHE D 35 3.46 -0.01 -25.76
N ILE D 36 2.85 -1.11 -25.30
CA ILE D 36 3.04 -2.39 -25.95
C ILE D 36 2.59 -2.32 -27.41
N ALA D 37 1.40 -1.78 -27.64
CA ALA D 37 0.86 -1.66 -29.01
C ALA D 37 1.82 -0.91 -29.92
N LYS D 38 2.23 0.29 -29.50
CA LYS D 38 3.15 1.09 -30.31
C LYS D 38 4.51 0.42 -30.44
N TYR D 39 4.91 -0.29 -29.40
CA TYR D 39 6.16 -1.02 -29.42
C TYR D 39 6.12 -2.13 -30.47
N ASN D 40 4.97 -2.80 -30.62
CA ASN D 40 4.85 -3.86 -31.62
C ASN D 40 4.87 -3.32 -33.06
N GLU D 41 4.66 -2.01 -33.24
CA GLU D 41 4.87 -1.44 -34.58
C GLU D 41 6.34 -1.48 -34.95
N PHE D 42 7.24 -1.44 -33.96
CA PHE D 42 8.65 -1.76 -34.14
C PHE D 42 9.35 -0.79 -35.09
N THR D 43 9.15 0.50 -34.87
CA THR D 43 9.93 1.53 -35.53
C THR D 43 10.56 2.43 -34.48
N PRO D 44 11.68 3.08 -34.80
CA PRO D 44 12.27 4.02 -33.83
C PRO D 44 11.27 5.03 -33.30
N GLU D 45 10.38 5.51 -34.17
CA GLU D 45 9.40 6.49 -33.74
C GLU D 45 8.36 5.88 -32.80
N SER D 46 7.92 4.65 -33.10
CA SER D 46 6.82 4.06 -32.34
C SER D 46 7.25 3.68 -30.91
N ILE D 47 8.48 3.17 -30.74
CA ILE D 47 8.90 2.71 -29.41
C ILE D 47 9.16 3.86 -28.44
N ILE D 48 9.18 5.10 -28.92
CA ILE D 48 9.31 6.25 -28.03
C ILE D 48 8.06 7.13 -28.03
N SER D 49 6.98 6.71 -28.70
CA SER D 49 5.81 7.57 -28.86
C SER D 49 4.98 7.68 -27.59
N VAL D 50 5.14 6.77 -26.64
CA VAL D 50 4.42 6.85 -25.38
C VAL D 50 5.39 7.10 -24.21
N ARG D 51 6.56 7.64 -24.50
CA ARG D 51 7.56 7.91 -23.48
C ARG D 51 7.69 9.42 -23.27
N THR D 52 7.99 9.81 -22.03
CA THR D 52 8.26 11.21 -21.72
C THR D 52 9.60 11.62 -22.33
N PRO D 53 9.81 12.92 -22.58
CA PRO D 53 11.07 13.34 -23.21
C PRO D 53 12.32 12.96 -22.42
N ASN D 54 12.28 13.00 -21.08
CA ASN D 54 13.44 12.65 -20.28
C ASN D 54 13.41 11.21 -19.78
N SER D 55 12.49 10.39 -20.29
CA SER D 55 12.37 9.02 -19.79
C SER D 55 13.64 8.23 -20.02
N VAL D 56 13.85 7.23 -19.17
CA VAL D 56 15.03 6.39 -19.21
C VAL D 56 14.61 4.94 -19.18
N SER D 57 15.24 4.11 -20.01
CA SER D 57 14.98 2.68 -20.10
C SER D 57 16.18 1.95 -19.48
N HIS D 58 15.93 1.19 -18.42
CA HIS D 58 16.96 0.42 -17.73
C HIS D 58 16.86 -1.05 -18.14
N ARG D 59 17.99 -1.64 -18.44
CA ARG D 59 18.02 -3.08 -18.69
C ARG D 59 18.54 -3.75 -17.43
N LEU D 60 17.75 -4.68 -16.88
CA LEU D 60 18.09 -5.33 -15.62
C LEU D 60 19.24 -6.36 -15.80
N PHE D 61 19.83 -6.76 -14.66
CA PHE D 61 20.84 -7.81 -14.52
C PHE D 61 22.24 -7.35 -14.92
N PRO D 62 23.27 -7.73 -14.15
CA PRO D 62 24.64 -7.24 -14.42
C PRO D 62 25.20 -7.58 -15.80
N THR D 63 24.95 -8.78 -16.35
CA THR D 63 25.61 -9.11 -17.63
C THR D 63 25.07 -8.28 -18.80
N ARG D 64 23.89 -7.67 -18.65
CA ARG D 64 23.33 -6.90 -19.75
C ARG D 64 23.00 -5.47 -19.31
N ASN D 65 23.58 -5.00 -18.22
CA ASN D 65 23.15 -3.76 -17.60
C ASN D 65 23.42 -2.59 -18.53
N ALA D 66 22.40 -1.75 -18.72
CA ALA D 66 22.51 -0.58 -19.58
C ALA D 66 21.39 0.39 -19.22
N THR D 67 21.50 1.60 -19.75
CA THR D 67 20.53 2.65 -19.52
C THR D 67 20.47 3.51 -20.78
N ARG D 68 19.28 3.77 -21.28
CA ARG D 68 19.13 4.44 -22.57
C ARG D 68 18.09 5.55 -22.50
N ASN D 69 18.43 6.71 -23.03
CA ASN D 69 17.45 7.78 -23.14
C ASN D 69 16.69 7.62 -24.46
N ILE D 70 15.77 8.55 -24.73
CA ILE D 70 14.93 8.45 -25.92
C ILE D 70 15.80 8.30 -27.17
N GLY D 71 16.86 9.08 -27.27
CA GLY D 71 17.70 9.03 -28.47
C GLY D 71 18.45 7.72 -28.58
N GLU D 72 18.97 7.22 -27.47
CA GLU D 72 19.68 5.95 -27.47
C GLU D 72 18.75 4.79 -27.80
N SER D 73 17.51 4.86 -27.30
CA SER D 73 16.50 3.86 -27.65
C SER D 73 16.15 3.90 -29.13
N MET D 74 16.01 5.10 -29.71
CA MET D 74 15.74 5.19 -31.14
C MET D 74 16.88 4.58 -31.95
N GLU D 75 18.12 4.90 -31.57
CA GLU D 75 19.28 4.32 -32.25
C GLU D 75 19.29 2.81 -32.11
N ALA D 76 19.07 2.31 -30.89
CA ALA D 76 19.10 0.87 -30.65
C ALA D 76 18.00 0.15 -31.43
N CYS D 77 16.81 0.75 -31.50
CA CYS D 77 15.73 0.16 -32.30
C CYS D 77 16.14 0.04 -33.77
N ALA D 78 16.73 1.10 -34.33
CA ALA D 78 17.13 1.05 -35.74
C ALA D 78 18.20 -0.02 -35.97
N ASN D 79 19.15 -0.16 -35.03
CA ASN D 79 20.16 -1.21 -35.14
C ASN D 79 19.53 -2.59 -35.08
N ALA D 80 18.53 -2.77 -34.21
CA ALA D 80 17.89 -4.06 -34.04
C ALA D 80 17.04 -4.44 -35.24
N LYS D 81 16.53 -3.43 -35.96
CA LYS D 81 15.77 -3.73 -37.18
C LYS D 81 16.65 -4.27 -38.30
N GLU D 82 17.98 -4.10 -38.22
CA GLU D 82 18.87 -4.79 -39.16
C GLU D 82 18.84 -6.31 -38.98
N VAL D 83 18.54 -6.77 -37.77
CA VAL D 83 18.52 -8.19 -37.44
C VAL D 83 17.09 -8.73 -37.40
N PHE D 84 16.17 -7.97 -36.80
CA PHE D 84 14.78 -8.40 -36.61
C PHE D 84 13.94 -7.91 -37.79
N LYS D 85 13.50 -8.85 -38.64
CA LYS D 85 12.51 -8.52 -39.67
C LYS D 85 11.16 -8.19 -39.05
N SER D 86 10.81 -8.87 -37.96
CA SER D 86 9.55 -8.66 -37.29
C SER D 86 9.74 -8.95 -35.81
N LEU D 87 8.90 -8.31 -34.99
CA LEU D 87 8.98 -8.50 -33.54
C LEU D 87 7.59 -8.27 -32.97
N THR D 88 7.12 -9.20 -32.15
CA THR D 88 5.91 -8.99 -31.34
C THR D 88 6.19 -9.39 -29.91
N VAL D 89 5.73 -8.57 -28.96
CA VAL D 89 5.69 -8.94 -27.56
C VAL D 89 4.24 -8.84 -27.10
N SER D 90 3.77 -9.85 -26.38
CA SER D 90 2.40 -9.87 -25.95
C SER D 90 2.31 -10.27 -24.49
N VAL D 91 1.31 -9.73 -23.80
CA VAL D 91 1.07 -10.13 -22.43
C VAL D 91 0.60 -11.57 -22.41
N ILE D 92 1.29 -12.41 -21.63
CA ILE D 92 0.95 -13.82 -21.61
C ILE D 92 -0.36 -14.05 -20.87
N ASP D 93 -0.58 -13.34 -19.77
CA ASP D 93 -1.81 -13.54 -19.01
C ASP D 93 -2.11 -12.24 -18.27
N ASP D 94 -3.22 -11.59 -18.65
CA ASP D 94 -3.64 -10.38 -17.95
C ASP D 94 -3.77 -10.61 -16.45
N ASN D 95 -4.05 -11.85 -16.02
CA ASN D 95 -4.22 -12.10 -14.60
C ASN D 95 -2.93 -11.89 -13.81
N ASP D 96 -1.78 -12.09 -14.45
CA ASP D 96 -0.51 -11.96 -13.76
C ASP D 96 0.01 -10.52 -13.71
N THR D 97 -0.64 -9.60 -14.42
CA THR D 97 -0.22 -8.22 -14.41
C THR D 97 -0.26 -7.64 -13.00
N ILE D 98 0.71 -6.78 -12.71
CA ILE D 98 0.91 -6.20 -11.40
C ILE D 98 0.77 -4.69 -11.56
N VAL D 99 -0.01 -4.06 -10.68
CA VAL D 99 -0.27 -2.62 -10.77
C VAL D 99 -0.09 -2.00 -9.40
N ASP D 100 0.81 -1.01 -9.31
CA ASP D 100 1.09 -0.28 -8.06
C ASP D 100 0.62 1.15 -8.26
N GLU D 101 -0.58 1.47 -7.77
CA GLU D 101 -1.11 2.81 -7.97
C GLU D 101 -0.25 3.86 -7.29
N ARG D 102 0.28 3.54 -6.11
CA ARG D 102 1.04 4.52 -5.33
C ARG D 102 2.28 4.97 -6.07
N THR D 103 2.97 4.06 -6.75
CA THR D 103 4.17 4.43 -7.49
C THR D 103 3.92 4.51 -8.99
N ARG D 104 2.68 4.31 -9.42
CA ARG D 104 2.29 4.42 -10.82
C ARG D 104 3.01 3.39 -11.69
N LYS D 105 3.23 2.18 -11.15
CA LYS D 105 3.96 1.17 -11.88
C LYS D 105 3.05 0.03 -12.33
N VAL D 106 3.40 -0.52 -13.50
CA VAL D 106 2.76 -1.70 -14.07
C VAL D 106 3.87 -2.69 -14.43
N VAL D 107 3.64 -3.97 -14.15
CA VAL D 107 4.56 -5.03 -14.53
C VAL D 107 3.82 -5.98 -15.47
N PHE D 108 4.39 -6.20 -16.67
CA PHE D 108 3.95 -7.21 -17.63
C PHE D 108 4.97 -8.33 -17.72
N TYR D 109 4.51 -9.57 -17.75
CA TYR D 109 5.35 -10.69 -18.16
C TYR D 109 4.99 -11.03 -19.62
N LEU D 110 5.95 -10.84 -20.52
CA LEU D 110 5.72 -10.87 -21.97
C LEU D 110 6.36 -12.07 -22.65
N ALA D 111 5.66 -12.58 -23.67
CA ALA D 111 6.28 -13.47 -24.65
C ALA D 111 6.79 -12.63 -25.81
N SER D 112 8.03 -12.86 -26.22
CA SER D 112 8.63 -12.13 -27.33
C SER D 112 8.88 -13.11 -28.47
N ARG D 113 8.48 -12.72 -29.67
CA ARG D 113 8.66 -13.59 -30.83
C ARG D 113 9.13 -12.73 -32.00
N GLY D 114 10.14 -13.21 -32.70
CA GLY D 114 10.71 -12.44 -33.79
C GLY D 114 11.22 -13.35 -34.89
N ASP D 115 11.07 -12.88 -36.13
CA ASP D 115 11.69 -13.49 -37.31
C ASP D 115 12.96 -12.70 -37.60
N THR D 116 14.11 -13.37 -37.63
CA THR D 116 15.38 -12.66 -37.72
C THR D 116 16.23 -13.20 -38.86
N ILE D 117 17.36 -12.54 -39.09
CA ILE D 117 18.23 -12.95 -40.18
C ILE D 117 18.93 -14.26 -39.88
N VAL D 118 18.91 -14.73 -38.63
CA VAL D 118 19.46 -16.04 -38.29
C VAL D 118 18.36 -16.95 -37.75
N GLY D 119 17.12 -16.69 -38.13
CA GLY D 119 16.05 -17.55 -37.72
C GLY D 119 15.16 -17.00 -36.61
N GLU D 120 14.63 -17.90 -35.79
CA GLU D 120 13.51 -17.56 -34.94
C GLU D 120 14.01 -16.99 -33.61
N TRP D 121 13.41 -15.88 -33.18
CA TRP D 121 13.56 -15.39 -31.83
C TRP D 121 12.33 -15.82 -31.04
N LYS D 122 12.56 -16.45 -29.89
CA LYS D 122 11.46 -16.91 -29.05
C LYS D 122 11.92 -16.80 -27.60
N SER D 123 11.32 -15.90 -26.83
CA SER D 123 11.79 -15.70 -25.47
C SER D 123 10.67 -15.07 -24.65
N GLU D 124 10.97 -14.84 -23.37
CA GLU D 124 10.07 -14.13 -22.47
C GLU D 124 10.84 -13.04 -21.77
N CYS D 125 10.11 -12.03 -21.31
CA CYS D 125 10.77 -10.91 -20.67
C CYS D 125 9.79 -10.22 -19.73
N ILE D 126 10.34 -9.45 -18.81
CA ILE D 126 9.54 -8.73 -17.83
C ILE D 126 9.82 -7.26 -18.04
N PHE D 127 8.76 -6.48 -18.20
CA PHE D 127 8.82 -5.03 -18.38
C PHE D 127 8.14 -4.39 -17.18
N ILE D 128 8.81 -3.41 -16.58
CA ILE D 128 8.26 -2.61 -15.50
C ILE D 128 8.16 -1.19 -16.00
N PHE D 129 6.96 -0.63 -16.02
CA PHE D 129 6.76 0.75 -16.45
C PHE D 129 6.44 1.60 -15.23
N GLN D 130 7.08 2.76 -15.13
CA GLN D 130 6.62 3.81 -14.23
C GLN D 130 6.02 4.94 -15.07
N MET D 131 4.78 5.32 -14.75
CA MET D 131 4.07 6.31 -15.55
C MET D 131 4.37 7.72 -15.09
N SER D 132 4.11 8.68 -15.97
CA SER D 132 4.18 10.09 -15.63
C SER D 132 3.14 10.38 -14.56
N GLU D 133 3.24 11.59 -13.99
CA GLU D 133 2.32 11.94 -12.91
C GLU D 133 0.87 11.90 -13.36
N ASP D 134 0.59 12.28 -14.61
CA ASP D 134 -0.79 12.23 -15.09
C ASP D 134 -1.17 10.87 -15.68
N GLY D 135 -0.29 9.88 -15.63
CA GLY D 135 -0.59 8.56 -16.15
C GLY D 135 -0.64 8.42 -17.66
N LYS D 136 -0.31 9.46 -18.41
CA LYS D 136 -0.46 9.49 -19.87
C LYS D 136 0.73 8.92 -20.63
N LEU D 137 1.92 8.95 -20.04
CA LEU D 137 3.13 8.57 -20.74
C LEU D 137 3.98 7.69 -19.83
N VAL D 138 4.88 6.92 -20.44
CA VAL D 138 5.81 6.09 -19.69
C VAL D 138 7.03 6.93 -19.36
N ASP D 139 7.26 7.13 -18.07
CA ASP D 139 8.37 7.96 -17.59
C ASP D 139 9.62 7.15 -17.27
N ARG D 140 9.49 5.88 -16.90
CA ARG D 140 10.64 5.03 -16.63
C ARG D 140 10.32 3.58 -16.97
N ILE D 141 11.28 2.86 -17.56
CA ILE D 141 11.13 1.45 -17.92
C ILE D 141 12.30 0.65 -17.34
N TRP D 142 12.00 -0.55 -16.84
CA TRP D 142 13.01 -1.55 -16.54
C TRP D 142 12.65 -2.82 -17.30
N ALA D 143 13.62 -3.40 -17.99
CA ALA D 143 13.38 -4.60 -18.78
C ALA D 143 14.34 -5.69 -18.31
N GLY D 144 13.78 -6.83 -17.91
CA GLY D 144 14.55 -8.01 -17.59
C GLY D 144 14.41 -9.08 -18.66
N PHE D 145 15.49 -9.34 -19.38
CA PHE D 145 15.53 -10.37 -20.39
C PHE D 145 16.24 -11.62 -19.91
N ASP D 146 16.04 -12.70 -20.68
CA ASP D 146 16.73 -13.97 -20.51
C ASP D 146 18.13 -13.79 -21.09
N THR D 147 19.12 -13.54 -20.23
CA THR D 147 20.41 -13.12 -20.75
C THR D 147 21.18 -14.27 -21.37
N ALA D 148 20.97 -15.51 -20.90
CA ALA D 148 21.59 -16.63 -21.58
C ALA D 148 21.05 -16.77 -23.00
N TYR D 149 19.73 -16.57 -23.18
CA TYR D 149 19.18 -16.61 -24.53
C TYR D 149 19.77 -15.51 -25.40
N MET D 150 19.95 -14.31 -24.83
CA MET D 150 20.62 -13.24 -25.55
C MET D 150 22.01 -13.66 -26.01
N ASP D 151 22.80 -14.28 -25.12
CA ASP D 151 24.13 -14.75 -25.53
C ASP D 151 24.03 -15.78 -26.65
N GLU D 152 23.09 -16.72 -26.52
CA GLU D 152 22.92 -17.74 -27.53
C GLU D 152 22.50 -17.14 -28.87
N PHE D 153 21.67 -16.09 -28.82
CA PHE D 153 21.28 -15.44 -30.07
C PHE D 153 22.45 -14.72 -30.72
N GLU D 154 23.26 -14.01 -29.93
CA GLU D 154 24.46 -13.37 -30.48
C GLU D 154 25.44 -14.39 -31.01
N SER D 155 25.52 -15.58 -30.37
CA SER D 155 26.28 -16.67 -30.96
C SER D 155 25.75 -17.01 -32.35
N ARG D 156 24.43 -17.00 -32.55
CA ARG D 156 23.90 -17.30 -33.88
C ARG D 156 24.30 -16.22 -34.88
N LEU D 157 24.28 -14.95 -34.46
CA LEU D 157 24.76 -13.87 -35.33
C LEU D 157 26.23 -14.04 -35.66
N ASP D 158 27.05 -14.28 -34.63
CA ASP D 158 28.49 -14.46 -34.78
C ASP D 158 28.81 -15.59 -35.77
N GLY D 159 27.80 -16.29 -36.26
CA GLY D 159 28.03 -17.43 -37.13
C GLY D 159 27.54 -17.29 -38.55
N ILE D 160 27.27 -16.05 -38.98
CA ILE D 160 26.94 -15.81 -40.39
C ILE D 160 28.22 -15.87 -41.21
N THR D 161 28.15 -16.54 -42.36
CA THR D 161 29.33 -16.69 -43.21
C THR D 161 28.90 -16.76 -44.67
N PHE D 162 29.86 -16.47 -45.57
CA PHE D 162 29.61 -16.44 -47.01
C PHE D 162 30.16 -17.66 -47.73
N PRO E 23 -25.05 -2.20 16.88
CA PRO E 23 -23.82 -1.95 16.13
C PRO E 23 -23.58 -0.45 15.96
N THR E 24 -22.34 0.02 15.98
CA THR E 24 -22.14 1.45 15.94
C THR E 24 -22.14 1.95 14.50
N ARG E 25 -22.11 3.28 14.36
CA ARG E 25 -21.90 3.90 13.06
C ARG E 25 -20.61 3.37 12.43
N GLU E 26 -19.55 3.26 13.24
CA GLU E 26 -18.27 2.78 12.74
C GLU E 26 -18.36 1.31 12.34
N ASP E 27 -19.11 0.50 13.09
CA ASP E 27 -19.29 -0.91 12.71
C ASP E 27 -20.00 -1.03 11.36
N LEU E 28 -21.00 -0.19 11.13
CA LEU E 28 -21.79 -0.28 9.90
C LEU E 28 -20.94 0.07 8.69
N VAL E 29 -20.23 1.20 8.75
CA VAL E 29 -19.31 1.58 7.68
C VAL E 29 -18.28 0.47 7.47
N ALA E 30 -17.81 -0.13 8.57
CA ALA E 30 -16.85 -1.23 8.46
C ALA E 30 -17.41 -2.37 7.63
N THR E 31 -18.56 -2.92 8.03
CA THR E 31 -19.15 -4.03 7.30
C THR E 31 -19.40 -3.66 5.83
N ALA E 32 -19.76 -2.40 5.57
CA ALA E 32 -19.98 -1.99 4.18
C ALA E 32 -18.68 -1.95 3.39
N LYS E 33 -17.59 -1.55 4.05
CA LYS E 33 -16.32 -1.49 3.34
C LYS E 33 -15.78 -2.90 3.10
N LEU E 34 -15.98 -3.81 4.06
CA LEU E 34 -15.64 -5.21 3.82
C LEU E 34 -16.35 -5.73 2.59
N PHE E 35 -17.65 -5.43 2.45
CA PHE E 35 -18.38 -5.84 1.26
C PHE E 35 -17.74 -5.28 0.00
N ILE E 36 -17.37 -4.00 0.02
CA ILE E 36 -16.73 -3.37 -1.14
C ILE E 36 -15.43 -4.08 -1.50
N ALA E 37 -14.57 -4.32 -0.50
CA ALA E 37 -13.27 -4.94 -0.76
C ALA E 37 -13.46 -6.30 -1.44
N LYS E 38 -14.31 -7.15 -0.86
CA LYS E 38 -14.56 -8.45 -1.46
C LYS E 38 -15.28 -8.32 -2.80
N TYR E 39 -16.06 -7.26 -2.96
CA TYR E 39 -16.65 -6.99 -4.26
C TYR E 39 -15.57 -6.80 -5.31
N ASN E 40 -14.53 -6.03 -5.00
CA ASN E 40 -13.42 -5.81 -5.91
C ASN E 40 -12.63 -7.08 -6.19
N GLU E 41 -12.74 -8.09 -5.32
CA GLU E 41 -12.19 -9.39 -5.68
C GLU E 41 -12.94 -9.98 -6.86
N PHE E 42 -14.23 -9.66 -6.97
CA PHE E 42 -15.05 -9.95 -8.15
C PHE E 42 -14.96 -11.42 -8.56
N THR E 43 -15.24 -12.30 -7.61
CA THR E 43 -15.48 -13.70 -7.90
C THR E 43 -16.87 -14.06 -7.39
N PRO E 44 -17.50 -15.09 -7.95
CA PRO E 44 -18.86 -15.43 -7.49
C PRO E 44 -18.96 -15.71 -5.99
N GLU E 45 -17.93 -16.28 -5.39
CA GLU E 45 -17.97 -16.60 -3.97
C GLU E 45 -17.69 -15.37 -3.11
N SER E 46 -16.81 -14.48 -3.56
CA SER E 46 -16.48 -13.31 -2.76
C SER E 46 -17.65 -12.34 -2.69
N ILE E 47 -18.37 -12.14 -3.80
CA ILE E 47 -19.44 -11.15 -3.82
C ILE E 47 -20.61 -11.50 -2.91
N ILE E 48 -20.67 -12.74 -2.40
CA ILE E 48 -21.71 -13.15 -1.46
C ILE E 48 -21.16 -13.46 -0.09
N SER E 49 -19.85 -13.31 0.12
CA SER E 49 -19.27 -13.77 1.38
C SER E 49 -19.66 -12.88 2.56
N VAL E 50 -19.95 -11.60 2.32
CA VAL E 50 -20.35 -10.68 3.38
C VAL E 50 -21.87 -10.49 3.41
N ARG E 51 -22.62 -11.45 2.88
CA ARG E 51 -24.06 -11.36 2.81
C ARG E 51 -24.69 -12.47 3.64
N THR E 52 -25.90 -12.24 4.11
CA THR E 52 -26.62 -13.24 4.87
C THR E 52 -27.27 -14.26 3.93
N PRO E 53 -27.46 -15.48 4.38
CA PRO E 53 -28.08 -16.51 3.52
C PRO E 53 -29.38 -16.08 2.83
N ASN E 54 -30.24 -15.31 3.50
CA ASN E 54 -31.51 -14.92 2.91
C ASN E 54 -31.51 -13.52 2.32
N SER E 55 -30.34 -12.87 2.23
CA SER E 55 -30.25 -11.51 1.73
C SER E 55 -30.64 -11.43 0.26
N VAL E 56 -31.33 -10.35 -0.11
CA VAL E 56 -31.64 -10.08 -1.51
C VAL E 56 -30.99 -8.77 -1.93
N SER E 57 -30.69 -8.69 -3.23
CA SER E 57 -30.07 -7.53 -3.85
C SER E 57 -31.07 -6.92 -4.82
N HIS E 58 -31.32 -5.62 -4.69
CA HIS E 58 -32.27 -4.92 -5.55
C HIS E 58 -31.52 -3.97 -6.47
N ARG E 59 -31.89 -3.98 -7.75
CA ARG E 59 -31.39 -3.00 -8.70
C ARG E 59 -32.46 -1.92 -8.89
N LEU E 60 -32.13 -0.68 -8.55
CA LEU E 60 -33.09 0.42 -8.61
C LEU E 60 -33.37 0.84 -10.05
N PHE E 61 -34.46 1.61 -10.21
CA PHE E 61 -34.94 2.23 -11.45
C PHE E 61 -35.68 1.24 -12.35
N PRO E 62 -36.85 1.61 -12.86
CA PRO E 62 -37.64 0.65 -13.66
C PRO E 62 -36.90 0.02 -14.85
N THR E 63 -36.05 0.76 -15.57
CA THR E 63 -35.50 0.16 -16.80
C THR E 63 -34.53 -0.98 -16.49
N ARG E 64 -33.99 -1.07 -15.29
CA ARG E 64 -33.12 -2.18 -14.94
C ARG E 64 -33.61 -2.92 -13.68
N ASN E 65 -34.90 -2.85 -13.40
CA ASN E 65 -35.41 -3.43 -12.17
C ASN E 65 -35.13 -4.93 -12.13
N ALA E 66 -34.70 -5.40 -10.97
CA ALA E 66 -34.34 -6.81 -10.77
C ALA E 66 -34.08 -7.03 -9.28
N THR E 67 -34.26 -8.27 -8.85
CA THR E 67 -34.02 -8.69 -7.48
C THR E 67 -33.34 -10.05 -7.51
N ARG E 68 -32.23 -10.19 -6.80
CA ARG E 68 -31.41 -11.40 -6.87
C ARG E 68 -31.01 -11.89 -5.48
N ASN E 69 -31.27 -13.17 -5.20
CA ASN E 69 -30.82 -13.79 -3.97
C ASN E 69 -29.35 -14.20 -4.10
N ILE E 70 -28.89 -15.04 -3.17
CA ILE E 70 -27.47 -15.40 -3.12
C ILE E 70 -27.07 -16.15 -4.39
N GLY E 71 -27.87 -17.13 -4.81
CA GLY E 71 -27.51 -17.94 -5.96
C GLY E 71 -27.63 -17.19 -7.27
N GLU E 72 -28.73 -16.47 -7.46
CA GLU E 72 -28.87 -15.61 -8.64
C GLU E 72 -27.74 -14.60 -8.71
N SER E 73 -27.23 -14.15 -7.55
CA SER E 73 -26.14 -13.19 -7.53
C SER E 73 -24.83 -13.84 -7.98
N MET E 74 -24.55 -15.06 -7.53
CA MET E 74 -23.35 -15.76 -7.98
C MET E 74 -23.40 -16.00 -9.48
N GLU E 75 -24.55 -16.47 -9.97
CA GLU E 75 -24.70 -16.74 -11.40
C GLU E 75 -24.52 -15.47 -12.22
N ALA E 76 -25.05 -14.33 -11.75
CA ALA E 76 -24.86 -13.09 -12.49
C ALA E 76 -23.43 -12.59 -12.39
N CYS E 77 -22.69 -12.96 -11.33
CA CYS E 77 -21.29 -12.56 -11.24
C CYS E 77 -20.44 -13.32 -12.24
N ALA E 78 -20.64 -14.64 -12.32
CA ALA E 78 -19.96 -15.45 -13.32
C ALA E 78 -20.23 -14.93 -14.72
N ASN E 79 -21.51 -14.65 -15.03
CA ASN E 79 -21.85 -14.11 -16.34
C ASN E 79 -21.11 -12.80 -16.62
N ALA E 80 -21.01 -11.92 -15.63
CA ALA E 80 -20.31 -10.67 -15.87
C ALA E 80 -18.80 -10.85 -15.99
N LYS E 81 -18.24 -11.92 -15.42
CA LYS E 81 -16.81 -12.17 -15.56
C LYS E 81 -16.46 -12.57 -16.99
N GLU E 82 -17.43 -13.00 -17.79
CA GLU E 82 -17.21 -13.26 -19.21
C GLU E 82 -16.99 -11.98 -20.01
N VAL E 83 -17.49 -10.85 -19.52
CA VAL E 83 -17.41 -9.58 -20.23
C VAL E 83 -16.36 -8.67 -19.62
N PHE E 84 -16.24 -8.67 -18.29
CA PHE E 84 -15.36 -7.76 -17.58
C PHE E 84 -14.03 -8.45 -17.31
N LYS E 85 -12.95 -7.86 -17.79
CA LYS E 85 -11.63 -8.42 -17.52
C LYS E 85 -11.15 -8.04 -16.11
N SER E 86 -11.35 -6.78 -15.74
CA SER E 86 -11.06 -6.30 -14.39
C SER E 86 -12.20 -5.37 -13.98
N LEU E 87 -12.37 -5.23 -12.66
CA LEU E 87 -13.37 -4.32 -12.13
C LEU E 87 -12.80 -3.65 -10.89
N THR E 88 -12.97 -2.33 -10.78
CA THR E 88 -12.61 -1.58 -9.59
C THR E 88 -13.79 -0.67 -9.23
N VAL E 89 -14.33 -0.90 -8.04
CA VAL E 89 -15.44 -0.11 -7.49
C VAL E 89 -14.93 0.56 -6.22
N SER E 90 -15.03 1.89 -6.14
CA SER E 90 -14.39 2.61 -5.03
C SER E 90 -15.21 3.82 -4.58
N VAL E 91 -15.18 4.07 -3.27
CA VAL E 91 -15.86 5.24 -2.73
C VAL E 91 -15.16 6.51 -3.22
N ILE E 92 -15.95 7.46 -3.73
CA ILE E 92 -15.38 8.69 -4.28
C ILE E 92 -15.05 9.70 -3.16
N ASP E 93 -15.88 9.80 -2.14
CA ASP E 93 -15.64 10.76 -1.06
C ASP E 93 -16.30 10.24 0.21
N ASP E 94 -15.48 9.89 1.20
CA ASP E 94 -16.00 9.33 2.45
C ASP E 94 -16.91 10.31 3.17
N ASN E 95 -16.72 11.62 2.94
CA ASN E 95 -17.56 12.60 3.61
C ASN E 95 -18.98 12.59 3.07
N ASP E 96 -19.19 12.08 1.85
CA ASP E 96 -20.52 11.99 1.30
C ASP E 96 -21.25 10.74 1.77
N THR E 97 -20.57 9.85 2.49
CA THR E 97 -21.17 8.60 2.94
C THR E 97 -22.28 8.88 3.96
N ILE E 98 -23.35 8.09 3.88
CA ILE E 98 -24.54 8.26 4.69
C ILE E 98 -24.72 7.02 5.54
N VAL E 99 -24.97 7.20 6.84
CA VAL E 99 -25.12 6.10 7.79
C VAL E 99 -26.36 6.33 8.63
N ASP E 100 -27.25 5.33 8.68
CA ASP E 100 -28.47 5.36 9.45
C ASP E 100 -28.35 4.27 10.52
N GLU E 101 -27.95 4.66 11.73
CA GLU E 101 -27.74 3.68 12.79
C GLU E 101 -29.02 2.98 13.18
N ARG E 102 -30.18 3.60 12.95
CA ARG E 102 -31.42 3.02 13.44
C ARG E 102 -31.91 1.90 12.55
N THR E 103 -31.80 2.06 11.24
CA THR E 103 -32.18 1.05 10.27
C THR E 103 -30.98 0.23 9.81
N ARG E 104 -29.78 0.54 10.30
CA ARG E 104 -28.55 -0.18 10.00
C ARG E 104 -28.20 -0.08 8.52
N LYS E 105 -28.22 1.15 8.00
CA LYS E 105 -28.03 1.40 6.57
C LYS E 105 -26.84 2.30 6.31
N VAL E 106 -26.09 1.98 5.26
CA VAL E 106 -24.97 2.78 4.77
C VAL E 106 -25.21 3.08 3.29
N VAL E 107 -24.91 4.31 2.86
CA VAL E 107 -24.99 4.68 1.45
C VAL E 107 -23.63 5.13 0.98
N PHE E 108 -23.11 4.47 -0.06
CA PHE E 108 -21.89 4.86 -0.76
C PHE E 108 -22.24 5.39 -2.14
N TYR E 109 -21.59 6.46 -2.55
CA TYR E 109 -21.57 6.86 -3.96
C TYR E 109 -20.20 6.47 -4.52
N LEU E 110 -20.22 5.54 -5.48
CA LEU E 110 -19.04 4.82 -5.92
C LEU E 110 -18.64 5.20 -7.34
N ALA E 111 -17.36 5.04 -7.62
CA ALA E 111 -16.86 5.01 -8.99
C ALA E 111 -16.66 3.55 -9.40
N SER E 112 -17.13 3.20 -10.61
CA SER E 112 -16.91 1.88 -11.18
C SER E 112 -16.05 2.01 -12.43
N ARG E 113 -15.06 1.14 -12.52
CA ARG E 113 -14.03 1.26 -13.55
C ARG E 113 -13.59 -0.16 -13.88
N GLY E 114 -13.55 -0.49 -15.16
CA GLY E 114 -13.13 -1.82 -15.56
C GLY E 114 -12.69 -1.87 -17.01
N ASP E 115 -11.92 -2.90 -17.32
CA ASP E 115 -11.56 -3.22 -18.70
C ASP E 115 -12.42 -4.39 -19.15
N THR E 116 -13.02 -4.26 -20.33
CA THR E 116 -13.91 -5.29 -20.84
C THR E 116 -13.47 -5.73 -22.23
N ILE E 117 -14.07 -6.81 -22.70
CA ILE E 117 -13.83 -7.31 -24.06
C ILE E 117 -14.19 -6.27 -25.11
N VAL E 118 -15.02 -5.29 -24.78
CA VAL E 118 -15.30 -4.21 -25.74
C VAL E 118 -14.66 -2.90 -25.29
N GLY E 119 -13.61 -2.97 -24.48
CA GLY E 119 -12.95 -1.76 -24.04
C GLY E 119 -13.34 -1.30 -22.65
N GLU E 120 -13.30 0.01 -22.45
CA GLU E 120 -13.30 0.60 -21.11
C GLU E 120 -14.72 0.69 -20.53
N TRP E 121 -14.87 0.24 -19.29
CA TRP E 121 -16.05 0.54 -18.50
C TRP E 121 -15.71 1.67 -17.53
N LYS E 122 -16.41 2.80 -17.64
CA LYS E 122 -16.21 3.93 -16.74
C LYS E 122 -17.57 4.51 -16.36
N SER E 123 -17.91 4.50 -15.07
CA SER E 123 -19.24 4.95 -14.66
C SER E 123 -19.23 5.25 -13.16
N GLU E 124 -20.41 5.48 -12.60
CA GLU E 124 -20.60 5.70 -11.17
C GLU E 124 -21.91 5.04 -10.77
N CYS E 125 -22.05 4.78 -9.47
CA CYS E 125 -23.26 4.13 -8.99
C CYS E 125 -23.44 4.43 -7.51
N ILE E 126 -24.67 4.23 -7.05
CA ILE E 126 -25.03 4.45 -5.65
C ILE E 126 -25.44 3.11 -5.07
N PHE E 127 -24.75 2.68 -4.00
CA PHE E 127 -25.04 1.43 -3.29
C PHE E 127 -25.60 1.73 -1.90
N ILE E 128 -26.66 1.01 -1.54
CA ILE E 128 -27.26 1.11 -0.22
C ILE E 128 -27.24 -0.26 0.43
N PHE E 129 -26.62 -0.35 1.60
CA PHE E 129 -26.53 -1.57 2.38
C PHE E 129 -27.38 -1.47 3.64
N GLN E 130 -28.20 -2.48 3.90
CA GLN E 130 -28.81 -2.68 5.21
C GLN E 130 -28.15 -3.89 5.85
N MET E 131 -27.55 -3.69 7.02
CA MET E 131 -26.86 -4.77 7.72
C MET E 131 -27.82 -5.59 8.57
N SER E 132 -27.36 -6.79 8.91
CA SER E 132 -28.04 -7.64 9.88
C SER E 132 -28.02 -7.00 11.26
N GLU E 133 -28.82 -7.58 12.17
CA GLU E 133 -28.92 -7.08 13.53
C GLU E 133 -27.56 -6.87 14.19
N ASP E 134 -26.64 -7.83 14.01
CA ASP E 134 -25.34 -7.72 14.64
C ASP E 134 -24.40 -6.76 13.90
N GLY E 135 -24.81 -6.27 12.73
CA GLY E 135 -23.99 -5.34 11.98
C GLY E 135 -22.79 -5.94 11.27
N LYS E 136 -22.66 -7.27 11.23
CA LYS E 136 -21.47 -7.89 10.65
C LYS E 136 -21.67 -8.39 9.22
N LEU E 137 -22.91 -8.62 8.77
CA LEU E 137 -23.17 -9.07 7.41
C LEU E 137 -24.22 -8.16 6.78
N VAL E 138 -24.22 -8.12 5.44
CA VAL E 138 -25.16 -7.30 4.69
C VAL E 138 -26.42 -8.12 4.43
N ASP E 139 -27.56 -7.64 4.92
CA ASP E 139 -28.81 -8.35 4.77
C ASP E 139 -29.63 -7.84 3.58
N ARG E 140 -29.36 -6.63 3.10
CA ARG E 140 -30.07 -6.11 1.93
C ARG E 140 -29.20 -5.12 1.18
N ILE E 141 -29.30 -5.16 -0.15
CA ILE E 141 -28.59 -4.23 -1.03
C ILE E 141 -29.56 -3.61 -2.03
N TRP E 142 -29.39 -2.33 -2.29
CA TRP E 142 -30.04 -1.64 -3.39
C TRP E 142 -28.94 -0.98 -4.20
N ALA E 143 -28.93 -1.20 -5.50
CA ALA E 143 -27.91 -0.61 -6.36
C ALA E 143 -28.58 0.27 -7.39
N GLY E 144 -28.12 1.51 -7.49
CA GLY E 144 -28.61 2.41 -8.52
C GLY E 144 -27.53 2.75 -9.51
N PHE E 145 -27.68 2.29 -10.75
CA PHE E 145 -26.66 2.46 -11.77
C PHE E 145 -27.09 3.54 -12.76
N ASP E 146 -26.13 3.95 -13.58
CA ASP E 146 -26.34 4.88 -14.68
C ASP E 146 -26.90 4.06 -15.84
N THR E 147 -28.24 4.02 -15.95
CA THR E 147 -28.85 3.03 -16.82
C THR E 147 -28.65 3.36 -18.30
N ALA E 148 -28.48 4.64 -18.64
CA ALA E 148 -28.15 4.99 -20.01
C ALA E 148 -26.77 4.45 -20.37
N TYR E 149 -25.85 4.48 -19.41
CA TYR E 149 -24.53 3.93 -19.66
C TYR E 149 -24.61 2.41 -19.85
N MET E 150 -25.44 1.74 -19.06
CA MET E 150 -25.64 0.30 -19.28
C MET E 150 -26.19 0.03 -20.67
N ASP E 151 -27.18 0.82 -21.13
CA ASP E 151 -27.69 0.68 -22.50
C ASP E 151 -26.58 0.81 -23.53
N GLU E 152 -25.79 1.88 -23.41
CA GLU E 152 -24.72 2.14 -24.36
C GLU E 152 -23.63 1.08 -24.29
N PHE E 153 -23.41 0.49 -23.11
CA PHE E 153 -22.44 -0.60 -23.03
C PHE E 153 -22.96 -1.83 -23.78
N GLU E 154 -24.23 -2.17 -23.60
CA GLU E 154 -24.79 -3.35 -24.26
C GLU E 154 -24.79 -3.18 -25.77
N SER E 155 -24.91 -1.93 -26.25
CA SER E 155 -24.79 -1.68 -27.68
C SER E 155 -23.39 -1.99 -28.17
N ARG E 156 -22.37 -1.66 -27.37
CA ARG E 156 -21.01 -2.02 -27.74
C ARG E 156 -20.86 -3.53 -27.85
N LEU E 157 -21.45 -4.28 -26.90
CA LEU E 157 -21.40 -5.73 -26.96
C LEU E 157 -22.08 -6.26 -28.21
N ASP E 158 -23.26 -5.71 -28.55
CA ASP E 158 -23.95 -6.06 -29.79
C ASP E 158 -23.14 -5.73 -31.03
N GLY E 159 -22.06 -4.95 -30.91
CA GLY E 159 -21.21 -4.65 -32.05
C GLY E 159 -20.12 -5.65 -32.33
N ILE E 160 -20.02 -6.72 -31.55
CA ILE E 160 -19.00 -7.74 -31.78
C ILE E 160 -19.37 -8.53 -33.03
N THR E 161 -18.46 -8.56 -34.01
CA THR E 161 -18.63 -9.43 -35.16
C THR E 161 -17.32 -10.16 -35.44
N PHE E 162 -17.40 -11.12 -36.36
CA PHE E 162 -16.26 -11.89 -36.83
C PHE E 162 -16.16 -11.87 -38.35
N PRO F 23 -31.34 18.77 15.35
CA PRO F 23 -32.61 18.35 14.77
C PRO F 23 -32.76 16.84 14.81
N THR F 24 -33.94 16.36 15.19
CA THR F 24 -34.10 14.91 15.25
C THR F 24 -34.41 14.35 13.86
N ARG F 25 -34.31 13.01 13.80
CA ARG F 25 -34.70 12.26 12.62
C ARG F 25 -36.09 12.64 12.12
N GLU F 26 -37.03 12.88 13.03
CA GLU F 26 -38.37 13.29 12.57
C GLU F 26 -38.33 14.69 11.97
N ASP F 27 -37.58 15.62 12.59
CA ASP F 27 -37.45 16.96 12.05
C ASP F 27 -36.84 16.94 10.64
N LEU F 28 -35.75 16.21 10.45
CA LEU F 28 -35.12 16.15 9.14
C LEU F 28 -36.09 15.66 8.09
N VAL F 29 -36.84 14.61 8.41
CA VAL F 29 -37.81 14.07 7.47
C VAL F 29 -38.88 15.11 7.15
N ALA F 30 -39.34 15.85 8.17
CA ALA F 30 -40.41 16.83 7.96
C ALA F 30 -39.99 17.91 6.96
N THR F 31 -38.78 18.42 7.10
CA THR F 31 -38.26 19.38 6.14
C THR F 31 -38.17 18.77 4.73
N ALA F 32 -37.68 17.53 4.63
CA ALA F 32 -37.55 16.90 3.33
C ALA F 32 -38.90 16.73 2.66
N LYS F 33 -39.91 16.27 3.42
CA LYS F 33 -41.25 16.16 2.86
C LYS F 33 -41.84 17.53 2.54
N LEU F 34 -41.38 18.57 3.24
CA LEU F 34 -41.84 19.92 2.90
C LEU F 34 -41.25 20.37 1.58
N PHE F 35 -39.97 20.09 1.33
CA PHE F 35 -39.41 20.30 0.00
C PHE F 35 -40.25 19.58 -1.04
N ILE F 36 -40.55 18.30 -0.79
CA ILE F 36 -41.32 17.51 -1.74
C ILE F 36 -42.67 18.16 -2.01
N ALA F 37 -43.35 18.62 -0.96
CA ALA F 37 -44.65 19.26 -1.15
C ALA F 37 -44.53 20.47 -2.05
N LYS F 38 -43.51 21.31 -1.83
CA LYS F 38 -43.33 22.50 -2.64
C LYS F 38 -42.84 22.14 -4.04
N TYR F 39 -41.91 21.18 -4.11
CA TYR F 39 -41.46 20.65 -5.38
C TYR F 39 -42.65 20.30 -6.26
N ASN F 40 -43.64 19.60 -5.68
CA ASN F 40 -44.81 19.17 -6.43
C ASN F 40 -45.67 20.34 -6.91
N GLU F 41 -45.53 21.54 -6.34
CA GLU F 41 -46.20 22.68 -6.96
C GLU F 41 -45.55 23.07 -8.29
N PHE F 42 -44.28 22.70 -8.50
CA PHE F 42 -43.65 22.73 -9.82
C PHE F 42 -43.71 24.11 -10.47
N THR F 43 -43.26 25.12 -9.74
CA THR F 43 -42.96 26.43 -10.29
C THR F 43 -41.51 26.75 -9.97
N PRO F 44 -40.85 27.60 -10.76
CA PRO F 44 -39.47 27.96 -10.43
C PRO F 44 -39.28 28.55 -9.01
N GLU F 45 -40.27 29.24 -8.42
CA GLU F 45 -40.05 29.69 -7.05
C GLU F 45 -40.39 28.60 -6.03
N SER F 46 -41.44 27.81 -6.28
CA SER F 46 -41.76 26.71 -5.36
C SER F 46 -40.59 25.76 -5.21
N ILE F 47 -39.97 25.35 -6.32
CA ILE F 47 -38.93 24.32 -6.22
C ILE F 47 -37.69 24.80 -5.48
N ILE F 48 -37.50 26.11 -5.29
CA ILE F 48 -36.38 26.57 -4.48
C ILE F 48 -36.82 27.12 -3.14
N SER F 49 -38.12 27.14 -2.83
CA SER F 49 -38.58 27.84 -1.65
C SER F 49 -38.04 27.22 -0.36
N VAL F 50 -37.63 25.95 -0.37
CA VAL F 50 -37.17 25.30 0.85
C VAL F 50 -35.66 25.10 0.81
N ARG F 51 -34.95 25.97 0.09
CA ARG F 51 -33.50 25.85 -0.05
C ARG F 51 -32.78 27.06 0.50
N THR F 52 -31.56 26.83 1.02
CA THR F 52 -30.70 27.90 1.50
C THR F 52 -30.07 28.65 0.33
N PRO F 53 -29.74 29.94 0.51
CA PRO F 53 -29.27 30.74 -0.63
C PRO F 53 -28.02 30.20 -1.33
N ASN F 54 -27.10 29.56 -0.61
CA ASN F 54 -25.89 29.01 -1.22
C ASN F 54 -26.04 27.55 -1.62
N SER F 55 -27.25 27.01 -1.60
CA SER F 55 -27.43 25.59 -1.85
C SER F 55 -27.18 25.24 -3.31
N VAL F 56 -26.69 24.02 -3.54
CA VAL F 56 -26.51 23.49 -4.88
C VAL F 56 -27.26 22.17 -4.98
N SER F 57 -27.69 21.85 -6.19
CA SER F 57 -28.32 20.57 -6.48
C SER F 57 -27.46 19.81 -7.47
N HIS F 58 -27.08 18.60 -7.11
CA HIS F 58 -26.27 17.73 -7.96
C HIS F 58 -27.19 16.72 -8.63
N ARG F 59 -26.99 16.51 -9.93
CA ARG F 59 -27.61 15.41 -10.65
C ARG F 59 -26.57 14.30 -10.77
N LEU F 60 -26.86 13.14 -10.18
CA LEU F 60 -25.93 12.02 -10.16
C LEU F 60 -25.73 11.43 -11.56
N PHE F 61 -24.72 10.55 -11.67
CA PHE F 61 -24.37 9.72 -12.85
C PHE F 61 -23.71 10.52 -13.97
N PRO F 62 -22.60 10.02 -14.53
CA PRO F 62 -21.88 10.78 -15.58
C PRO F 62 -22.69 11.17 -16.80
N THR F 63 -23.65 10.36 -17.27
CA THR F 63 -24.32 10.78 -18.50
C THR F 63 -25.22 11.99 -18.30
N ARG F 64 -25.61 12.30 -17.05
CA ARG F 64 -26.48 13.44 -16.78
C ARG F 64 -25.94 14.33 -15.66
N ASN F 65 -24.65 14.22 -15.34
CA ASN F 65 -24.11 14.98 -14.24
C ASN F 65 -24.30 16.48 -14.48
N ALA F 66 -24.71 17.18 -13.41
CA ALA F 66 -24.97 18.61 -13.43
C ALA F 66 -24.98 19.12 -12.00
N THR F 67 -24.63 20.39 -11.84
CA THR F 67 -24.67 21.08 -10.55
C THR F 67 -25.33 22.43 -10.75
N ARG F 68 -26.38 22.70 -9.98
CA ARG F 68 -27.17 23.92 -10.15
C ARG F 68 -27.30 24.64 -8.82
N ASN F 69 -27.01 25.94 -8.84
CA ASN F 69 -27.34 26.82 -7.74
C ASN F 69 -28.83 27.14 -7.83
N ILE F 70 -29.31 28.06 -6.98
CA ILE F 70 -30.75 28.28 -6.93
C ILE F 70 -31.25 28.94 -8.22
N GLY F 71 -30.48 29.88 -8.77
CA GLY F 71 -30.91 30.52 -10.00
C GLY F 71 -30.90 29.57 -11.19
N GLU F 72 -29.89 28.70 -11.25
CA GLU F 72 -29.84 27.72 -12.32
C GLU F 72 -30.96 26.70 -12.20
N SER F 73 -31.38 26.40 -10.97
CA SER F 73 -32.52 25.52 -10.77
C SER F 73 -33.81 26.16 -11.28
N MET F 74 -33.97 27.46 -11.03
CA MET F 74 -35.18 28.14 -11.48
C MET F 74 -35.24 28.17 -13.00
N GLU F 75 -34.10 28.41 -13.65
CA GLU F 75 -34.07 28.38 -15.11
C GLU F 75 -34.38 26.97 -15.63
N ALA F 76 -33.77 25.95 -15.03
CA ALA F 76 -34.01 24.59 -15.50
C ALA F 76 -35.45 24.16 -15.28
N CYS F 77 -36.07 24.63 -14.17
CA CYS F 77 -37.47 24.32 -13.95
C CYS F 77 -38.34 25.03 -14.98
N ALA F 78 -38.06 26.29 -15.27
CA ALA F 78 -38.84 27.01 -16.27
C ALA F 78 -38.69 26.37 -17.66
N ASN F 79 -37.47 25.92 -17.99
CA ASN F 79 -37.28 25.23 -19.27
C ASN F 79 -38.11 23.95 -19.31
N ALA F 80 -38.07 23.16 -18.23
CA ALA F 80 -38.80 21.89 -18.19
C ALA F 80 -40.31 22.09 -18.28
N LYS F 81 -40.83 23.20 -17.75
CA LYS F 81 -42.26 23.41 -17.80
C LYS F 81 -42.77 23.66 -19.22
N GLU F 82 -41.87 23.91 -20.19
CA GLU F 82 -42.31 23.96 -21.57
C GLU F 82 -42.68 22.57 -22.11
N VAL F 83 -42.16 21.51 -21.49
CA VAL F 83 -42.48 20.15 -21.87
C VAL F 83 -43.41 19.48 -20.86
N PHE F 84 -43.15 19.66 -19.56
CA PHE F 84 -43.99 19.08 -18.51
C PHE F 84 -45.12 20.04 -18.16
N LYS F 85 -46.36 19.61 -18.42
CA LYS F 85 -47.50 20.41 -17.96
C LYS F 85 -47.73 20.23 -16.46
N SER F 86 -47.43 19.04 -15.95
CA SER F 86 -47.49 18.74 -14.53
C SER F 86 -46.35 17.80 -14.20
N LEU F 87 -46.00 17.76 -12.92
CA LEU F 87 -44.97 16.85 -12.43
C LEU F 87 -45.18 16.63 -10.95
N THR F 88 -45.14 15.38 -10.50
CA THR F 88 -45.25 15.09 -9.08
C THR F 88 -44.32 13.94 -8.70
N VAL F 89 -44.00 13.93 -7.42
CA VAL F 89 -43.07 12.98 -6.83
C VAL F 89 -43.67 12.54 -5.50
N SER F 90 -43.60 11.25 -5.19
CA SER F 90 -44.09 10.75 -3.91
C SER F 90 -43.15 9.68 -3.37
N VAL F 91 -43.01 9.69 -2.04
CA VAL F 91 -42.22 8.67 -1.33
C VAL F 91 -42.96 7.35 -1.46
N ILE F 92 -42.29 6.33 -1.99
CA ILE F 92 -42.98 5.07 -2.27
C ILE F 92 -43.24 4.31 -0.98
N ASP F 93 -42.29 4.34 -0.04
CA ASP F 93 -42.41 3.57 1.20
C ASP F 93 -41.60 4.27 2.26
N ASP F 94 -42.28 4.79 3.30
CA ASP F 94 -41.58 5.41 4.43
C ASP F 94 -40.60 4.45 5.07
N ASN F 95 -40.86 3.15 4.99
CA ASN F 95 -40.00 2.15 5.63
C ASN F 95 -38.63 2.04 4.98
N ASP F 96 -38.45 2.58 3.77
CA ASP F 96 -37.15 2.59 3.13
C ASP F 96 -36.42 3.90 3.27
N THR F 97 -37.07 4.92 3.85
CA THR F 97 -36.39 6.21 4.03
C THR F 97 -35.18 6.03 4.91
N ILE F 98 -34.11 6.74 4.58
CA ILE F 98 -32.86 6.69 5.30
C ILE F 98 -32.64 8.05 5.93
N VAL F 99 -32.24 8.07 7.20
CA VAL F 99 -31.95 9.32 7.89
C VAL F 99 -30.65 9.16 8.66
N ASP F 100 -29.74 10.11 8.44
CA ASP F 100 -28.47 10.19 9.12
C ASP F 100 -28.50 11.45 9.97
N GLU F 101 -28.74 11.31 11.28
CA GLU F 101 -28.87 12.51 12.11
C GLU F 101 -27.54 13.26 12.22
N ARG F 102 -26.42 12.53 12.20
CA ARG F 102 -25.12 13.18 12.30
C ARG F 102 -24.88 14.13 11.14
N THR F 103 -24.98 13.63 9.91
CA THR F 103 -24.78 14.46 8.72
C THR F 103 -26.05 15.20 8.29
N ARG F 104 -27.19 14.93 8.93
CA ARG F 104 -28.45 15.63 8.67
C ARG F 104 -28.99 15.31 7.26
N LYS F 105 -28.79 14.08 6.80
CA LYS F 105 -29.23 13.70 5.47
C LYS F 105 -30.47 12.83 5.53
N VAL F 106 -31.37 13.07 4.58
CA VAL F 106 -32.53 12.23 4.32
C VAL F 106 -32.42 11.67 2.90
N VAL F 107 -32.75 10.40 2.71
CA VAL F 107 -32.80 9.79 1.39
C VAL F 107 -34.21 9.26 1.17
N PHE F 108 -34.85 9.70 0.08
CA PHE F 108 -36.13 9.18 -0.38
C PHE F 108 -35.95 8.39 -1.67
N TYR F 109 -36.70 7.29 -1.81
CA TYR F 109 -36.89 6.67 -3.12
C TYR F 109 -38.30 7.02 -3.58
N LEU F 110 -38.40 7.67 -4.73
CA LEU F 110 -39.61 8.36 -5.13
C LEU F 110 -40.16 7.80 -6.43
N ALA F 111 -41.49 7.78 -6.54
CA ALA F 111 -42.14 7.62 -7.81
C ALA F 111 -42.34 9.01 -8.39
N SER F 112 -42.06 9.17 -9.69
CA SER F 112 -42.25 10.44 -10.38
C SER F 112 -43.22 10.24 -11.52
N ARG F 113 -44.15 11.17 -11.67
CA ARG F 113 -45.18 11.09 -12.69
C ARG F 113 -45.48 12.49 -13.20
N GLY F 114 -45.75 12.61 -14.50
CA GLY F 114 -46.09 13.90 -15.07
C GLY F 114 -46.86 13.76 -16.36
N ASP F 115 -47.46 14.86 -16.78
CA ASP F 115 -48.09 14.96 -18.10
C ASP F 115 -47.23 15.87 -18.96
N THR F 116 -46.91 15.41 -20.17
CA THR F 116 -46.00 16.14 -21.04
C THR F 116 -46.60 16.29 -22.43
N ILE F 117 -45.96 17.15 -23.23
CA ILE F 117 -46.46 17.39 -24.58
C ILE F 117 -46.34 16.14 -25.44
N VAL F 118 -45.55 15.15 -25.02
CA VAL F 118 -45.52 13.88 -25.74
C VAL F 118 -46.04 12.76 -24.84
N GLY F 119 -46.96 13.10 -23.94
CA GLY F 119 -47.62 12.08 -23.15
C GLY F 119 -47.05 11.82 -21.78
N GLU F 120 -47.19 10.57 -21.33
CA GLU F 120 -47.01 10.22 -19.92
C GLU F 120 -45.52 10.16 -19.56
N TRP F 121 -45.17 10.76 -18.43
CA TRP F 121 -43.91 10.53 -17.76
C TRP F 121 -44.15 9.60 -16.57
N LYS F 122 -43.39 8.50 -16.50
CA LYS F 122 -43.54 7.52 -15.43
C LYS F 122 -42.17 6.94 -15.10
N SER F 123 -41.62 7.28 -13.93
CA SER F 123 -40.29 6.82 -13.59
C SER F 123 -40.16 6.75 -12.07
N GLU F 124 -38.92 6.52 -11.61
CA GLU F 124 -38.57 6.56 -10.20
C GLU F 124 -37.21 7.22 -10.09
N CYS F 125 -36.95 7.80 -8.92
CA CYS F 125 -35.72 8.54 -8.70
C CYS F 125 -35.39 8.52 -7.22
N ILE F 126 -34.11 8.74 -6.93
CA ILE F 126 -33.61 8.79 -5.56
C ILE F 126 -33.15 10.22 -5.29
N PHE F 127 -33.72 10.82 -4.24
CA PHE F 127 -33.34 12.14 -3.79
C PHE F 127 -32.59 12.05 -2.48
N ILE F 128 -31.51 12.81 -2.38
CA ILE F 128 -30.76 12.91 -1.14
C ILE F 128 -30.77 14.37 -0.71
N PHE F 129 -31.17 14.62 0.54
CA PHE F 129 -31.28 15.96 1.10
C PHE F 129 -30.32 16.12 2.28
N GLN F 130 -29.50 17.16 2.23
CA GLN F 130 -28.74 17.62 3.38
C GLN F 130 -29.33 18.93 3.89
N MET F 131 -29.79 18.94 5.15
CA MET F 131 -30.47 20.11 5.72
C MET F 131 -29.48 21.08 6.38
N SER F 132 -29.94 22.33 6.52
CA SER F 132 -29.18 23.32 7.29
C SER F 132 -29.12 22.92 8.77
N GLU F 133 -28.29 23.65 9.52
CA GLU F 133 -28.02 23.33 10.92
C GLU F 133 -29.29 23.22 11.74
N ASP F 134 -30.22 24.16 11.55
CA ASP F 134 -31.47 24.15 12.31
C ASP F 134 -32.47 23.10 11.83
N GLY F 135 -32.15 22.39 10.74
CA GLY F 135 -32.99 21.34 10.21
C GLY F 135 -34.22 21.80 9.46
N LYS F 136 -34.32 23.09 9.14
CA LYS F 136 -35.55 23.65 8.58
C LYS F 136 -35.43 24.07 7.12
N LEU F 137 -34.24 23.98 6.52
CA LEU F 137 -34.09 24.27 5.11
C LEU F 137 -33.15 23.25 4.48
N VAL F 138 -33.23 23.14 3.15
CA VAL F 138 -32.44 22.17 2.40
C VAL F 138 -31.18 22.87 1.90
N ASP F 139 -30.02 22.40 2.34
CA ASP F 139 -28.74 23.04 2.02
C ASP F 139 -28.04 22.42 0.83
N ARG F 140 -28.24 21.13 0.59
CA ARG F 140 -27.61 20.43 -0.52
C ARG F 140 -28.57 19.34 -1.00
N ILE F 141 -28.60 19.10 -2.32
CA ILE F 141 -29.45 18.08 -2.92
C ILE F 141 -28.66 17.26 -3.94
N TRP F 142 -28.79 15.94 -3.88
CA TRP F 142 -28.35 15.03 -4.92
C TRP F 142 -29.57 14.31 -5.48
N ALA F 143 -29.61 14.09 -6.80
CA ALA F 143 -30.75 13.47 -7.45
C ALA F 143 -30.26 12.41 -8.43
N GLY F 144 -30.75 11.19 -8.26
CA GLY F 144 -30.42 10.09 -9.14
C GLY F 144 -31.64 9.71 -9.95
N PHE F 145 -31.58 9.94 -11.25
CA PHE F 145 -32.69 9.59 -12.14
C PHE F 145 -32.37 8.31 -12.93
N ASP F 146 -33.41 7.77 -13.57
CA ASP F 146 -33.29 6.63 -14.48
C ASP F 146 -32.80 7.19 -15.81
N THR F 147 -31.49 7.21 -16.00
CA THR F 147 -30.95 7.90 -17.18
C THR F 147 -31.35 7.25 -18.49
N ALA F 148 -31.54 5.92 -18.52
CA ALA F 148 -32.01 5.31 -19.77
C ALA F 148 -33.42 5.79 -20.09
N TYR F 149 -34.25 5.99 -19.07
CA TYR F 149 -35.60 6.46 -19.33
C TYR F 149 -35.61 7.93 -19.76
N MET F 150 -34.68 8.74 -19.24
CA MET F 150 -34.54 10.09 -19.77
C MET F 150 -34.18 10.06 -21.27
N ASP F 151 -33.32 9.11 -21.67
CA ASP F 151 -33.00 8.93 -23.10
C ASP F 151 -34.25 8.59 -23.91
N GLU F 152 -35.03 7.61 -23.45
CA GLU F 152 -36.25 7.23 -24.15
C GLU F 152 -37.24 8.38 -24.19
N PHE F 153 -37.27 9.23 -23.16
CA PHE F 153 -38.21 10.33 -23.19
C PHE F 153 -37.80 11.38 -24.21
N GLU F 154 -36.50 11.66 -24.31
CA GLU F 154 -36.01 12.56 -25.34
C GLU F 154 -36.21 11.99 -26.75
N SER F 155 -36.12 10.66 -26.90
CA SER F 155 -36.45 10.07 -28.19
C SER F 155 -37.90 10.32 -28.55
N ARG F 156 -38.79 10.39 -27.55
CA ARG F 156 -40.18 10.67 -27.84
C ARG F 156 -40.38 12.13 -28.24
N LEU F 157 -39.66 13.05 -27.58
CA LEU F 157 -39.67 14.44 -28.03
C LEU F 157 -39.17 14.55 -29.46
N ASP F 158 -38.20 13.72 -29.84
CA ASP F 158 -37.68 13.73 -31.19
C ASP F 158 -38.73 13.37 -32.24
N GLY F 159 -39.89 12.86 -31.82
CA GLY F 159 -40.93 12.49 -32.75
C GLY F 159 -42.08 13.47 -32.84
N ILE F 160 -41.93 14.68 -32.29
CA ILE F 160 -42.98 15.70 -32.41
C ILE F 160 -43.29 15.91 -33.88
N THR F 161 -44.58 15.95 -34.23
CA THR F 161 -44.99 15.75 -35.62
C THR F 161 -46.18 16.60 -36.08
N PHE F 162 -46.80 17.40 -35.22
CA PHE F 162 -47.95 18.23 -35.59
C PHE F 162 -49.06 17.44 -36.31
CA CA G . 42.25 1.64 10.53
CA CA H . 38.35 -7.73 4.68
CA CA I . 39.26 -1.96 22.41
OBB 7WU J . 27.95 5.73 8.63
CBA 7WU J . 28.23 5.53 9.81
CAL 7WU J . 29.09 4.45 10.22
CAR 7WU J . 30.50 5.01 9.94
CAM 7WU J . 28.96 3.23 9.46
CAO 7WU J . 29.20 3.18 8.09
CAN 7WU J . 28.76 1.98 10.06
CAJ 7WU J . 28.53 1.79 11.43
CAE 7WU J . 28.60 0.28 11.88
CAP 7WU J . 29.90 -0.39 11.42
CAF 7WU J . 27.42 -0.44 11.28
CAA 7WU J . 27.26 -1.82 11.92
CAB 7WU J . 27.11 -1.72 13.32
OAS 7WU J . 26.12 -2.18 13.88
CAC 7WU J . 28.11 -1.12 14.07
CAT 7WU J . 27.60 -0.89 15.49
CAU 7WU J . 29.32 -2.06 14.16
CAD 7WU J . 28.33 0.28 13.41
CAG 7WU J . 29.22 1.15 14.06
OAV 7WU J . 30.16 0.79 14.77
CAH 7WU J . 28.94 2.48 13.76
OAW 7WU J . 29.54 3.38 14.70
CAI 7WU J . 29.36 2.78 12.29
CAQ 7WU J . 30.90 2.65 12.17
CAK 7WU J . 28.77 4.17 11.75
CAX 7WU J . 28.95 5.36 12.54
OBC 7WU J . 29.31 5.35 13.72
OAY 7WU J . 28.60 6.53 11.93
CAZ 7WU J . 27.75 6.45 10.76
CBD 7WU J . 27.77 7.83 10.13
CBE 7WU J . 26.41 6.13 11.07
OBG 7WU J . 26.04 5.89 12.23
OBF 7WU J . 25.59 6.08 9.99
CBH 7WU J . 24.29 6.58 10.37
CA CA K . 26.95 -29.36 -14.85
OBB 7WU L . 14.28 -21.38 -2.05
CBA 7WU L . 14.80 -21.73 -3.10
CAL 7WU L . 16.20 -22.06 -3.20
CAR 7WU L . 16.32 -23.47 -2.62
CAM 7WU L . 17.09 -21.20 -2.48
CAO 7WU L . 17.04 -21.14 -1.08
CAN 7WU L . 18.14 -20.49 -3.09
CAJ 7WU L . 18.37 -20.47 -4.49
CAE 7WU L . 19.75 -19.84 -4.92
CAP 7WU L . 20.97 -20.55 -4.30
CAF 7WU L . 19.80 -18.41 -4.48
CAA 7WU L . 20.98 -17.72 -5.15
CAB 7WU L . 20.87 -17.76 -6.54
OAS 7WU L . 20.94 -16.71 -7.17
CAC 7WU L . 20.79 -19.00 -7.20
CAT 7WU L . 20.32 -18.80 -8.65
CAU 7WU L . 22.19 -19.62 -7.26
CAD 7WU L . 19.68 -19.84 -6.50
CAG 7WU L . 19.45 -21.15 -6.98
OAV 7WU L . 20.30 -21.84 -7.55
CAH 7WU L . 18.20 -21.68 -6.69
OAW 7WU L . 18.07 -22.97 -7.32
CAI 7WU L . 18.04 -21.84 -5.13
CAQ 7WU L . 18.90 -23.03 -4.65
CAK 7WU L . 16.53 -21.99 -4.73
CAX 7WU L . 15.78 -22.95 -5.40
OBC 7WU L . 16.28 -23.92 -5.99
OAY 7WU L . 14.42 -22.80 -5.23
CAZ 7WU L . 13.95 -21.85 -4.22
CBD 7WU L . 12.61 -22.40 -3.74
CBE 7WU L . 13.65 -20.52 -4.68
OBG 7WU L . 12.65 -19.94 -4.26
OBF 7WU L . 14.54 -19.93 -5.54
CBH 7WU L . 14.27 -18.52 -5.61
OBB 7WU M . 7.48 -0.43 33.48
CBA 7WU M . 8.38 -1.27 33.43
CAL 7WU M . 9.36 -1.44 34.47
CAR 7WU M . 8.75 -2.38 35.52
CAM 7WU M . 9.73 -0.24 35.15
CAO 7WU M . 8.80 0.43 35.94
CAN 7WU M . 11.04 0.22 35.23
CAJ 7WU M . 12.11 -0.37 34.51
CAE 7WU M . 13.52 0.17 34.92
CAP 7WU M . 13.87 -0.03 36.41
CAF 7WU M . 13.58 1.66 34.60
CAA 7WU M . 15.03 2.14 34.74
CAB 7WU M . 15.90 1.41 33.87
OAS 7WU M . 16.63 2.01 33.08
CAC 7WU M . 15.97 0.02 33.94
CAT 7WU M . 16.63 -0.50 32.67
CAU 7WU M . 16.87 -0.36 35.13
CAD 7WU M . 14.50 -0.52 33.92
CAG 7WU M . 14.35 -1.91 34.00
OAV 7WU M . 15.18 -2.67 34.51
CAH 7WU M . 13.14 -2.38 33.50
OAW 7WU M . 13.15 -3.81 33.36
CAI 7WU M . 11.99 -1.92 34.44
CAQ 7WU M . 12.10 -2.69 35.78
CAK 7WU M . 10.60 -2.08 33.76
CAX 7WU M . 10.21 -3.37 33.32
OBC 7WU M . 10.85 -4.39 33.58
OAY 7WU M . 9.01 -3.38 32.64
CAZ 7WU M . 8.40 -2.10 32.30
CBD 7WU M . 6.95 -2.33 31.87
CBE 7WU M . 9.05 -1.46 31.21
OBG 7WU M . 9.97 -2.02 30.58
OBF 7WU M . 8.61 -0.20 30.93
CBH 7WU M . 9.53 0.42 29.99
CAV 7WX N . 17.05 -3.23 -28.13
CAI 7WX N . 16.03 -3.60 -27.06
CAH 7WX N . 16.76 -4.64 -26.15
OBE 7WX N . 17.99 -4.19 -25.57
CAG 7WX N . 16.95 -5.82 -26.89
OBD 7WX N . 18.06 -6.17 -27.30
CAD 7WX N . 15.75 -6.52 -27.14
CAC 7WX N . 15.79 -8.07 -27.29
CAY 7WX N . 16.25 -8.63 -25.94
CAZ 7WX N . 16.73 -8.64 -28.39
CAB 7WX N . 14.47 -8.50 -27.47
OAX 7WX N . 13.97 -9.34 -26.70
CAA 7WX N . 13.70 -7.95 -28.50
CAF 7WX N . 13.55 -6.46 -28.23
CAE 7WX N . 14.92 -5.77 -28.22
CAU 7WX N . 15.52 -5.78 -29.65
CAJ 7WX N . 14.76 -4.31 -27.62
CAN 7WX N . 13.99 -3.49 -28.43
CAM 7WX N . 13.81 -2.14 -28.21
CAR 7WX N . 13.00 -1.47 -29.11
CAL 7WX N . 14.56 -1.41 -27.27
CAW 7WX N . 15.37 -0.43 -28.13
CAQ 7WX N . 13.73 -0.76 -26.34
OAS 7WX N . 13.30 0.39 -26.48
CAP 7WX N . 13.54 -1.57 -25.17
CBB 7WX N . 12.20 -2.31 -25.05
OBC 7WX N . 13.71 -0.77 -23.95
CAO 7WX N . 14.48 -2.60 -25.33
OAT 7WX N . 14.38 -3.64 -24.68
CAK 7WX N . 15.45 -2.29 -26.29
CBA 7WX N . 16.42 -1.60 -25.44
OBF 7WX N . 16.99 -0.55 -25.76
OBG 7WX N . 16.76 -2.27 -24.25
CBH 7WX N . 16.53 -1.64 -22.98
CAV 7WX O . -23.85 -8.14 -12.20
CAI 7WX O . -23.88 -6.94 -11.25
CAH 7WX O . -24.80 -5.89 -11.95
OBE 7WX O . -26.05 -6.46 -12.37
CAG 7WX O . -24.17 -5.34 -13.05
OBD 7WX O . -24.60 -5.50 -14.19
CAD 7WX O . -23.05 -4.56 -12.73
CAC 7WX O . -22.61 -3.43 -13.73
CAY 7WX O . -23.76 -2.42 -13.83
CAZ 7WX O . -22.25 -3.89 -15.15
CAB 7WX O . -21.52 -2.81 -13.14
OAX 7WX O . -21.58 -1.64 -12.76
CAA 7WX O . -20.40 -3.60 -12.86
CAF 7WX O . -20.80 -4.54 -11.71
CAE 7WX O . -21.89 -5.48 -12.22
CAU 7WX O . -21.23 -6.40 -13.28
CAJ 7WX O . -22.51 -6.25 -11.01
CAN 7WX O . -21.60 -7.07 -10.34
CAM 7WX O . -21.95 -7.98 -9.34
CAR 7WX O . -20.89 -8.71 -8.80
CAL 7WX O . -23.30 -8.35 -9.04
CAW 7WX O . -23.38 -9.85 -9.40
CAQ 7WX O . -23.61 -8.14 -7.67
OAS 7WX O . -23.38 -8.94 -6.77
CAP 7WX O . -24.34 -6.97 -7.46
CBB 7WX O . -23.74 -6.03 -6.41
OBC 7WX O . -25.66 -7.31 -6.99
CAO 7WX O . -24.36 -6.38 -8.74
OAT 7WX O . -24.50 -5.17 -8.93
CAK 7WX O . -24.38 -7.40 -9.75
CBA 7WX O . -25.76 -7.83 -9.73
OBF 7WX O . -26.08 -8.99 -9.43
OBG 7WX O . -26.74 -6.86 -10.01
CBH 7WX O . -27.54 -6.17 -9.01
CA CA P . -28.25 -6.61 -27.07
CA CA Q . -45.63 5.52 2.50
CA CA R . -32.92 14.13 -29.38
OBB 7WU S . -35.46 21.30 -9.01
CBA 7WU S . -34.77 20.85 -9.92
CAL 7WU S . -35.29 20.63 -11.23
CAR 7WU S . -35.14 21.99 -11.97
CAM 7WU S . -36.67 20.27 -11.32
CAO 7WU S . -37.69 21.14 -10.90
CAN 7WU S . -37.13 19.14 -12.01
CAJ 7WU S . -36.30 18.17 -12.57
CAE 7WU S . -37.06 17.16 -13.53
CAP 7WU S . -37.83 17.89 -14.65
CAF 7WU S . -38.05 16.34 -12.72
CAA 7WU S . -38.59 15.17 -13.54
CAB 7WU S . -37.53 14.34 -14.00
OAS 7WU S . -37.51 13.14 -13.71
CAC 7WU S . -36.53 14.88 -14.79
CAT 7WU S . -35.39 13.87 -14.95
CAU 7WU S . -37.09 15.13 -16.21
CAD 7WU S . -35.99 16.13 -14.01
CAG 7WU S . -34.91 16.83 -14.56
OAV 7WU S . -34.68 16.89 -15.77
CAH 7WU S . -34.15 17.54 -13.61
OAW 7WU S . -32.86 17.85 -14.15
CAI 7WU S . -34.98 18.78 -13.14
CAQ 7WU S . -35.18 19.75 -14.34
CAK 7WU S . -34.37 19.50 -11.86
CAX 7WU S . -33.04 20.00 -11.94
OBC 7WU S . -32.36 19.90 -12.96
OAY 7WU S . -32.57 20.66 -10.83
CAZ 7WU S . -33.40 20.63 -9.63
CBD 7WU S . -32.92 21.74 -8.72
CBE 7WU S . -33.21 19.42 -8.90
OBG 7WU S . -32.24 18.68 -9.11
OBF 7WU S . -34.14 19.18 -7.93
CBH 7WU S . -34.62 17.85 -8.15
#